data_6XF1
#
_entry.id   6XF1
#
_cell.length_a   237.825
_cell.length_b   52.443
_cell.length_c   177.458
_cell.angle_alpha   90.000
_cell.angle_beta   123.268
_cell.angle_gamma   90.000
#
_symmetry.space_group_name_H-M   'C 1 2 1'
#
loop_
_entity.id
_entity.type
_entity.pdbx_description
1 polymer Nesprin-2
2 polymer 'FH1/FH2 domain-containing protein 1'
3 water water
#
loop_
_entity_poly.entity_id
_entity_poly.type
_entity_poly.pdbx_seq_one_letter_code
_entity_poly.pdbx_strand_id
1 'polypeptide(L)'
;PGSEDENKLLEACIFKNNELLKNIQDVQSQISKIGLKDPTVPAVKHRKKSLIRLDKVLDEYEEEKRHLQEMANSLPHFKD
GREKTVNQQCQNTVVLWENTKALVTECLEQCGRVLELLKQYQNFKSILTTLIQKEESVISLQASYMGKENLKKRIAEIEI
VKEEFNEHLEVVDKINQVCKNLQFYLNKMKTFEEPPFEKEANIIVDRWLDINEKTEDYYENLGRALALWD
;
A,C
2 'polypeptide(L)'
;SVVTVRVQYLEDTDPFACANFPEPRRAPTCSLDGALPLGAQIPAVHRLLGAPLKLEDCALQVSPSGYYLDTELSLEEQRE
MLEGFYEEISKGRKPTLILRTQLSVRVNAILEKLYSSSGPELRRSLFSLKQIFQEDKDLVPEFVHSEGLSCLIRVGAAAD
HNYQSYILRALGQLMLFVDGMLGVVAHSDTIQWLYTLCASLSRLVVKTALKLLLVFVEYSENNAPLFIRAVNSVASTTGA
PPWANLVSILEEKNGADPELLVYTVTLINKTLAALPDQDSFYDVTDALEQQGMEALVQRHLGTAGTDVDLRTQLVLYENA
L
;
B,D
#
# COMPACT_ATOMS: atom_id res chain seq x y z
N PRO A 1 25.56 32.69 28.82
CA PRO A 1 24.79 33.25 27.71
C PRO A 1 23.74 34.30 28.17
N GLY A 2 22.63 33.87 28.74
CA GLY A 2 21.65 34.83 29.23
C GLY A 2 20.32 34.80 28.48
N SER A 3 19.22 34.91 29.23
CA SER A 3 17.88 34.83 28.63
C SER A 3 17.66 35.92 27.58
N GLU A 4 18.21 37.12 27.82
CA GLU A 4 18.10 38.20 26.85
C GLU A 4 18.86 37.88 25.56
N ASP A 5 20.14 37.48 25.69
CA ASP A 5 20.95 37.17 24.51
C ASP A 5 20.48 35.89 23.83
N GLU A 6 19.94 34.95 24.61
CA GLU A 6 19.34 33.75 24.04
C GLU A 6 18.15 34.10 23.19
N ASN A 7 17.22 34.90 23.75
CA ASN A 7 16.08 35.29 22.93
C ASN A 7 16.49 36.15 21.74
N LYS A 8 17.57 36.95 21.85
CA LYS A 8 17.93 37.81 20.71
C LYS A 8 18.52 36.95 19.59
N LEU A 9 19.26 35.87 19.96
CA LEU A 9 19.71 34.91 18.94
C LEU A 9 18.55 34.14 18.32
N LEU A 10 17.64 33.65 19.16
CA LEU A 10 16.51 32.93 18.61
C LEU A 10 15.75 33.82 17.66
N GLU A 11 15.64 35.10 17.99
CA GLU A 11 14.82 35.92 17.15
C GLU A 11 15.56 36.20 15.84
N ALA A 12 16.89 36.38 15.90
CA ALA A 12 17.67 36.53 14.67
C ALA A 12 17.50 35.32 13.75
N CYS A 13 17.39 34.14 14.32
CA CYS A 13 17.19 32.94 13.52
C CYS A 13 15.83 32.99 12.82
N ILE A 14 14.79 33.40 13.55
CA ILE A 14 13.49 33.58 12.92
C ILE A 14 13.58 34.58 11.77
N PHE A 15 14.25 35.71 12.00
CA PHE A 15 14.33 36.77 11.02
C PHE A 15 14.99 36.29 9.74
N LYS A 16 16.17 35.66 9.86
CA LYS A 16 16.87 35.15 8.69
C LYS A 16 16.06 34.06 7.98
N ASN A 17 15.31 33.25 8.73
CA ASN A 17 14.52 32.23 8.07
C ASN A 17 13.39 32.85 7.26
N ASN A 18 12.71 33.84 7.82
CA ASN A 18 11.61 34.44 7.08
C ASN A 18 12.12 35.13 5.84
N GLU A 19 13.19 35.90 6.00
CA GLU A 19 13.82 36.55 4.84
C GLU A 19 14.27 35.54 3.78
N LEU A 20 15.02 34.52 4.18
CA LEU A 20 15.48 33.57 3.18
C LEU A 20 14.33 32.83 2.52
N LEU A 21 13.36 32.38 3.32
CA LEU A 21 12.23 31.65 2.79
C LEU A 21 11.49 32.43 1.72
N LYS A 22 11.21 33.72 1.97
CA LYS A 22 10.48 34.44 0.95
C LYS A 22 11.35 34.69 -0.29
N ASN A 23 12.67 34.85 -0.12
CA ASN A 23 13.49 34.95 -1.32
C ASN A 23 13.38 33.68 -2.18
N ILE A 24 13.41 32.51 -1.55
CA ILE A 24 13.29 31.28 -2.33
C ILE A 24 11.89 31.17 -2.94
N GLN A 25 10.85 31.51 -2.17
CA GLN A 25 9.49 31.47 -2.72
C GLN A 25 9.37 32.38 -3.93
N ASP A 26 10.04 33.53 -3.90
CA ASP A 26 10.06 34.45 -5.02
C ASP A 26 10.70 33.78 -6.24
N VAL A 27 11.84 33.12 -6.04
CA VAL A 27 12.47 32.41 -7.15
C VAL A 27 11.54 31.37 -7.75
N GLN A 28 10.76 30.70 -6.93
CA GLN A 28 9.98 29.62 -7.52
C GLN A 28 8.74 30.17 -8.22
N SER A 29 8.19 31.26 -7.70
CA SER A 29 7.17 31.96 -8.46
C SER A 29 7.71 32.39 -9.82
N GLN A 30 8.93 32.95 -9.86
CA GLN A 30 9.48 33.36 -11.15
C GLN A 30 9.65 32.17 -12.09
N ILE A 31 10.10 31.04 -11.55
CA ILE A 31 10.23 29.85 -12.39
C ILE A 31 8.88 29.51 -13.02
N SER A 32 7.84 29.41 -12.22
CA SER A 32 6.57 29.02 -12.82
C SER A 32 6.13 30.02 -13.90
N LYS A 33 6.49 31.31 -13.78
CA LYS A 33 6.02 32.28 -14.76
C LYS A 33 6.89 32.39 -16.02
N ILE A 34 7.82 31.47 -16.26
CA ILE A 34 8.71 31.64 -17.42
C ILE A 34 8.02 31.20 -18.70
N GLY A 35 7.51 29.97 -18.71
CA GLY A 35 6.82 29.43 -19.87
C GLY A 35 7.73 29.32 -21.08
N LEU A 36 7.11 29.37 -22.27
CA LEU A 36 7.82 29.12 -23.51
C LEU A 36 7.06 29.80 -24.64
N LYS A 37 7.73 30.64 -25.41
CA LYS A 37 7.06 31.39 -26.46
C LYS A 37 6.53 30.49 -27.59
N ASP A 38 7.38 29.63 -28.15
CA ASP A 38 7.07 28.79 -29.32
C ASP A 38 7.92 27.55 -29.23
N PRO A 39 7.56 26.49 -29.94
CA PRO A 39 8.42 25.30 -29.90
C PRO A 39 9.60 25.41 -30.86
N THR A 40 10.34 26.51 -30.77
CA THR A 40 11.45 26.74 -31.69
C THR A 40 12.73 26.71 -30.89
N VAL A 41 13.85 26.54 -31.58
CA VAL A 41 15.16 26.63 -30.93
C VAL A 41 15.35 28.00 -30.29
N PRO A 42 15.09 29.14 -30.96
CA PRO A 42 15.24 30.43 -30.27
C PRO A 42 14.38 30.55 -29.01
N ALA A 43 13.13 30.09 -29.04
CA ALA A 43 12.31 30.24 -27.86
C ALA A 43 12.79 29.34 -26.73
N VAL A 44 13.15 28.10 -27.05
CA VAL A 44 13.60 27.18 -26.00
C VAL A 44 14.87 27.69 -25.36
N LYS A 45 15.80 28.20 -26.14
CA LYS A 45 16.97 28.65 -25.44
C LYS A 45 16.76 29.98 -24.75
N HIS A 46 15.75 30.78 -25.11
CA HIS A 46 15.38 31.92 -24.25
C HIS A 46 14.84 31.44 -22.90
N ARG A 47 14.03 30.38 -22.93
CA ARG A 47 13.58 29.77 -21.69
C ARG A 47 14.77 29.32 -20.83
N LYS A 48 15.76 28.72 -21.45
CA LYS A 48 16.89 28.22 -20.71
C LYS A 48 17.78 29.36 -20.21
N LYS A 49 17.94 30.42 -21.00
CA LYS A 49 18.67 31.56 -20.47
C LYS A 49 18.01 32.06 -19.19
N SER A 50 16.68 31.99 -19.11
CA SER A 50 16.03 32.47 -17.90
C SER A 50 16.18 31.50 -16.74
N LEU A 51 16.07 30.20 -17.00
CA LEU A 51 16.32 29.23 -15.95
C LEU A 51 17.74 29.35 -15.38
N ILE A 52 18.70 29.75 -16.20
CA ILE A 52 20.08 29.77 -15.75
C ILE A 52 20.33 31.01 -14.92
N ARG A 53 19.71 32.13 -15.32
CA ARG A 53 19.70 33.28 -14.42
C ARG A 53 19.19 32.90 -13.05
N LEU A 54 18.09 32.13 -12.98
CA LEU A 54 17.52 31.82 -11.68
C LEU A 54 18.38 30.81 -10.93
N ASP A 55 19.05 29.91 -11.65
CA ASP A 55 19.98 28.98 -11.04
C ASP A 55 21.07 29.77 -10.30
N LYS A 56 21.62 30.79 -10.97
CA LYS A 56 22.61 31.63 -10.32
C LYS A 56 22.02 32.37 -9.12
N VAL A 57 20.72 32.69 -9.14
CA VAL A 57 20.11 33.38 -7.99
C VAL A 57 20.05 32.46 -6.77
N LEU A 58 19.57 31.22 -6.97
CA LEU A 58 19.62 30.21 -5.92
C LEU A 58 21.03 29.97 -5.41
N ASP A 59 22.00 29.97 -6.32
CA ASP A 59 23.38 29.80 -5.89
C ASP A 59 23.78 30.91 -4.94
N GLU A 60 23.45 32.16 -5.27
CA GLU A 60 23.77 33.23 -4.34
C GLU A 60 23.04 33.05 -3.01
N TYR A 61 21.96 32.28 -2.94
CA TYR A 61 21.36 32.06 -1.61
C TYR A 61 21.90 30.83 -0.85
N GLU A 62 22.67 29.96 -1.52
CA GLU A 62 23.24 28.79 -0.86
C GLU A 62 23.98 29.12 0.46
N GLU A 63 24.81 30.16 0.44
CA GLU A 63 25.60 30.44 1.62
C GLU A 63 24.73 30.96 2.78
N GLU A 64 23.64 31.69 2.46
CA GLU A 64 22.70 32.12 3.50
C GLU A 64 21.96 30.93 4.08
N LYS A 65 21.56 29.99 3.22
CA LYS A 65 20.90 28.78 3.68
C LYS A 65 21.78 28.05 4.65
N ARG A 66 23.03 27.98 4.30
CA ARG A 66 24.01 27.25 5.05
C ARG A 66 24.33 27.93 6.41
N HIS A 67 24.48 29.26 6.43
CA HIS A 67 24.55 29.99 7.69
C HIS A 67 23.28 29.79 8.54
N LEU A 68 22.12 29.75 7.90
CA LEU A 68 20.87 29.51 8.64
C LEU A 68 20.87 28.14 9.33
N GLN A 69 21.25 27.09 8.61
CA GLN A 69 21.36 25.77 9.19
C GLN A 69 22.32 25.77 10.36
N GLU A 70 23.42 26.50 10.22
CA GLU A 70 24.37 26.71 11.31
C GLU A 70 23.65 27.21 12.56
N MET A 71 23.02 28.38 12.43
CA MET A 71 22.29 28.95 13.56
C MET A 71 21.30 27.96 14.17
N ALA A 72 20.56 27.24 13.33
CA ALA A 72 19.52 26.36 13.85
C ALA A 72 20.10 25.21 14.67
N ASN A 73 21.20 24.61 14.20
CA ASN A 73 21.82 23.53 14.96
C ASN A 73 22.58 24.04 16.17
N SER A 74 22.76 25.35 16.30
CA SER A 74 23.44 25.88 17.47
C SER A 74 22.51 26.72 18.33
N LEU A 75 21.22 26.47 18.27
CA LEU A 75 20.32 27.33 19.01
C LEU A 75 20.28 26.98 20.50
N PRO A 76 19.97 27.95 21.36
CA PRO A 76 19.93 27.66 22.80
C PRO A 76 18.80 26.71 23.13
N HIS A 77 18.93 26.05 24.27
CA HIS A 77 17.94 25.06 24.70
C HIS A 77 17.08 25.69 25.79
N PHE A 78 15.83 25.99 25.46
CA PHE A 78 14.90 26.62 26.39
C PHE A 78 14.03 25.55 27.03
N LYS A 79 13.62 25.79 28.28
CA LYS A 79 12.65 24.91 28.93
C LYS A 79 11.35 24.88 28.15
N ASP A 80 10.91 26.04 27.66
CA ASP A 80 9.75 26.12 26.78
C ASP A 80 9.81 25.10 25.66
N GLY A 81 10.95 25.02 24.98
CA GLY A 81 11.07 24.19 23.79
C GLY A 81 10.83 24.93 22.50
N ARG A 82 10.81 26.26 22.53
CA ARG A 82 10.44 27.01 21.33
C ARG A 82 11.53 26.97 20.27
N GLU A 83 12.78 26.77 20.71
CA GLU A 83 13.88 26.57 19.79
C GLU A 83 13.57 25.44 18.85
N LYS A 84 12.83 24.43 19.30
CA LYS A 84 12.58 23.25 18.48
C LYS A 84 11.63 23.58 17.32
N THR A 85 10.60 24.38 17.58
CA THR A 85 9.73 24.84 16.51
C THR A 85 10.50 25.71 15.50
N VAL A 86 11.33 26.63 15.98
CA VAL A 86 12.03 27.46 15.00
C VAL A 86 13.03 26.64 14.21
N ASN A 87 13.67 25.67 14.85
CA ASN A 87 14.53 24.77 14.11
C ASN A 87 13.74 23.99 13.05
N GLN A 88 12.52 23.58 13.37
CA GLN A 88 11.75 22.87 12.35
C GLN A 88 11.41 23.77 11.17
N GLN A 89 11.05 25.03 11.44
CA GLN A 89 10.81 25.93 10.30
C GLN A 89 12.08 26.11 9.47
N CYS A 90 13.24 26.21 10.14
CA CYS A 90 14.49 26.40 9.39
C CYS A 90 14.81 25.18 8.56
N GLN A 91 14.67 23.98 9.12
CA GLN A 91 14.87 22.80 8.29
C GLN A 91 13.93 22.79 7.08
N ASN A 92 12.68 23.24 7.27
CA ASN A 92 11.76 23.38 6.13
C ASN A 92 12.35 24.26 5.06
N THR A 93 12.78 25.48 5.44
CA THR A 93 13.29 26.41 4.45
C THR A 93 14.50 25.82 3.72
N VAL A 94 15.31 25.05 4.42
CA VAL A 94 16.45 24.44 3.75
C VAL A 94 15.97 23.42 2.72
N VAL A 95 14.98 22.61 3.08
CA VAL A 95 14.44 21.65 2.13
C VAL A 95 13.78 22.35 0.96
N LEU A 96 13.15 23.48 1.22
CA LEU A 96 12.60 24.28 0.14
C LEU A 96 13.68 24.66 -0.85
N TRP A 97 14.81 25.13 -0.36
CA TRP A 97 15.89 25.49 -1.27
C TRP A 97 16.34 24.28 -2.07
N GLU A 98 16.51 23.13 -1.43
CA GLU A 98 16.97 21.95 -2.16
C GLU A 98 15.96 21.57 -3.25
N ASN A 99 14.68 21.70 -2.94
CA ASN A 99 13.62 21.38 -3.90
C ASN A 99 13.59 22.37 -5.05
N THR A 100 13.72 23.64 -4.76
CA THR A 100 13.72 24.63 -5.83
C THR A 100 14.91 24.39 -6.75
N LYS A 101 16.08 24.10 -6.16
CA LYS A 101 17.26 23.83 -6.97
C LYS A 101 17.06 22.58 -7.83
N ALA A 102 16.39 21.57 -7.31
CA ALA A 102 16.09 20.37 -8.09
C ALA A 102 15.12 20.69 -9.22
N LEU A 103 14.13 21.55 -8.97
CA LEU A 103 13.19 21.96 -10.01
C LEU A 103 13.94 22.61 -11.16
N VAL A 104 14.81 23.58 -10.83
CA VAL A 104 15.55 24.26 -11.88
C VAL A 104 16.39 23.25 -12.66
N THR A 105 17.02 22.29 -11.95
CA THR A 105 17.79 21.27 -12.66
C THR A 105 16.91 20.46 -13.60
N GLU A 106 15.67 20.18 -13.20
CA GLU A 106 14.82 19.37 -14.07
C GLU A 106 14.37 20.15 -15.29
N CYS A 107 14.03 21.43 -15.10
CA CYS A 107 13.72 22.24 -16.25
C CYS A 107 14.92 22.37 -17.18
N LEU A 108 16.12 22.55 -16.63
CA LEU A 108 17.27 22.67 -17.50
C LEU A 108 17.55 21.37 -18.25
N GLU A 109 17.29 20.25 -17.60
CA GLU A 109 17.46 18.97 -18.25
C GLU A 109 16.50 18.81 -19.44
N GLN A 110 15.21 19.11 -19.21
CA GLN A 110 14.27 18.98 -20.31
C GLN A 110 14.53 20.02 -21.41
N CYS A 111 15.00 21.23 -21.06
CA CYS A 111 15.44 22.13 -22.14
C CYS A 111 16.55 21.49 -22.97
N GLY A 112 17.53 20.88 -22.32
CA GLY A 112 18.63 20.26 -23.05
C GLY A 112 18.14 19.20 -24.02
N ARG A 113 17.20 18.38 -23.57
CA ARG A 113 16.76 17.29 -24.45
C ARG A 113 15.82 17.78 -25.54
N VAL A 114 14.99 18.78 -25.25
CA VAL A 114 14.22 19.38 -26.34
C VAL A 114 15.18 19.99 -27.37
N LEU A 115 16.28 20.59 -26.93
CA LEU A 115 17.17 21.19 -27.92
C LEU A 115 17.83 20.14 -28.81
N GLU A 116 18.26 19.02 -28.23
CA GLU A 116 18.80 17.94 -29.04
C GLU A 116 17.75 17.43 -30.04
N LEU A 117 16.51 17.28 -29.57
CA LEU A 117 15.42 16.77 -30.42
C LEU A 117 15.03 17.76 -31.52
N LEU A 118 15.06 19.06 -31.24
CA LEU A 118 14.79 20.02 -32.30
C LEU A 118 15.89 19.99 -33.35
N LYS A 119 17.15 19.89 -32.92
CA LYS A 119 18.23 19.65 -33.88
C LYS A 119 17.92 18.45 -34.78
N GLN A 120 17.55 17.33 -34.16
CA GLN A 120 17.32 16.12 -34.95
C GLN A 120 16.14 16.32 -35.89
N TYR A 121 15.11 17.05 -35.43
CA TYR A 121 13.97 17.32 -36.29
C TYR A 121 14.39 18.08 -37.54
N GLN A 122 15.22 19.12 -37.39
CA GLN A 122 15.47 19.88 -38.61
C GLN A 122 16.41 19.11 -39.53
N ASN A 123 17.31 18.31 -38.96
CA ASN A 123 18.17 17.55 -39.85
C ASN A 123 17.37 16.51 -40.64
N PHE A 124 16.49 15.77 -39.95
CA PHE A 124 15.68 14.78 -40.66
C PHE A 124 14.74 15.42 -41.67
N LYS A 125 14.10 16.54 -41.30
CA LYS A 125 13.18 17.18 -42.23
C LYS A 125 13.90 17.67 -43.48
N SER A 126 15.10 18.25 -43.32
CA SER A 126 15.88 18.61 -44.50
C SER A 126 16.12 17.40 -45.39
N ILE A 127 16.65 16.31 -44.81
CA ILE A 127 16.91 15.13 -45.63
C ILE A 127 15.67 14.73 -46.41
N LEU A 128 14.54 14.59 -45.72
CA LEU A 128 13.34 14.09 -46.38
C LEU A 128 12.79 15.07 -47.41
N THR A 129 12.56 16.33 -47.03
CA THR A 129 11.95 17.23 -47.99
C THR A 129 12.86 17.51 -49.17
N THR A 130 14.18 17.44 -49.02
CA THR A 130 14.94 17.62 -50.26
C THR A 130 14.81 16.39 -51.14
N LEU A 131 14.69 15.21 -50.56
CA LEU A 131 14.44 14.05 -51.42
C LEU A 131 13.07 14.20 -52.13
N ILE A 132 12.07 14.65 -51.38
CA ILE A 132 10.71 14.75 -51.88
C ILE A 132 10.58 15.83 -52.94
N GLN A 133 11.15 17.02 -52.69
CA GLN A 133 11.19 18.06 -53.73
C GLN A 133 11.97 17.62 -54.97
N LYS A 134 13.08 16.89 -54.79
CA LYS A 134 13.81 16.40 -55.96
C LYS A 134 12.92 15.58 -56.87
N GLU A 135 12.21 14.59 -56.32
CA GLU A 135 11.34 13.83 -57.22
C GLU A 135 10.12 14.65 -57.65
N GLU A 136 9.62 15.52 -56.77
CA GLU A 136 8.36 16.21 -56.97
C GLU A 136 8.46 17.22 -58.10
N SER A 137 9.66 17.69 -58.41
CA SER A 137 9.77 18.66 -59.48
C SER A 137 10.13 18.05 -60.82
N VAL A 138 10.70 16.84 -60.85
CA VAL A 138 11.11 16.26 -62.13
C VAL A 138 9.84 16.02 -62.97
N ILE A 139 9.96 16.22 -64.30
CA ILE A 139 8.82 16.12 -65.21
C ILE A 139 8.17 14.74 -65.14
N SER A 140 6.88 14.71 -65.40
CA SER A 140 6.27 13.41 -65.65
C SER A 140 5.30 13.57 -66.82
N LEU A 141 5.74 13.17 -67.99
CA LEU A 141 4.85 13.08 -69.13
C LEU A 141 3.88 11.94 -68.94
N GLN A 142 2.73 12.02 -69.62
CA GLN A 142 1.86 10.85 -69.72
C GLN A 142 2.64 9.70 -70.33
N ALA A 143 2.60 8.54 -69.68
CA ALA A 143 3.19 7.36 -70.29
C ALA A 143 2.56 7.03 -71.64
N SER A 144 1.31 7.46 -71.85
CA SER A 144 0.64 7.17 -73.13
C SER A 144 1.20 8.00 -74.29
N TYR A 145 1.85 9.10 -73.97
CA TYR A 145 2.36 10.05 -74.93
C TYR A 145 3.89 10.02 -74.95
N MET A 146 4.47 8.82 -74.85
CA MET A 146 5.91 8.67 -74.79
C MET A 146 6.36 7.56 -75.73
N GLY A 147 7.53 7.75 -76.35
CA GLY A 147 8.12 6.72 -77.16
C GLY A 147 8.72 5.62 -76.32
N LYS A 148 9.14 4.57 -77.02
CA LYS A 148 9.72 3.40 -76.35
C LYS A 148 11.04 3.73 -75.66
N GLU A 149 11.96 4.41 -76.34
CA GLU A 149 13.23 4.72 -75.66
C GLU A 149 13.01 5.63 -74.46
N ASN A 150 12.06 6.55 -74.55
CA ASN A 150 11.79 7.43 -73.44
C ASN A 150 11.15 6.70 -72.29
N LEU A 151 10.27 5.75 -72.58
CA LEU A 151 9.74 4.91 -71.52
C LEU A 151 10.87 4.16 -70.83
N LYS A 152 11.79 3.58 -71.59
CA LYS A 152 12.88 2.83 -70.96
C LYS A 152 13.74 3.73 -70.08
N LYS A 153 14.13 4.89 -70.62
CA LYS A 153 14.91 5.87 -69.89
C LYS A 153 14.21 6.31 -68.57
N ARG A 154 12.91 6.61 -68.64
CA ARG A 154 12.21 7.08 -67.45
C ARG A 154 12.02 5.97 -66.42
N ILE A 155 11.79 4.74 -66.89
CA ILE A 155 11.67 3.62 -65.99
C ILE A 155 12.96 3.43 -65.21
N ALA A 156 14.11 3.53 -65.88
CA ALA A 156 15.40 3.41 -65.19
C ALA A 156 15.54 4.49 -64.11
N GLU A 157 15.22 5.74 -64.47
CA GLU A 157 15.25 6.79 -63.45
C GLU A 157 14.34 6.45 -62.26
N ILE A 158 13.15 5.92 -62.51
CA ILE A 158 12.19 5.67 -61.42
C ILE A 158 12.63 4.50 -60.53
N GLU A 159 13.23 3.42 -61.06
CA GLU A 159 14.01 2.56 -60.15
C GLU A 159 15.11 3.26 -59.34
N ILE A 160 15.89 4.18 -59.88
CA ILE A 160 16.83 4.78 -58.91
C ILE A 160 16.06 5.48 -57.79
N VAL A 161 15.02 6.24 -58.16
CA VAL A 161 14.28 7.02 -57.19
C VAL A 161 13.64 6.11 -56.14
N LYS A 162 13.06 5.00 -56.59
CA LYS A 162 12.46 4.06 -55.64
C LYS A 162 13.50 3.52 -54.68
N GLU A 163 14.74 3.29 -55.16
CA GLU A 163 15.63 2.64 -54.21
C GLU A 163 16.05 3.64 -53.11
N GLU A 164 16.22 4.92 -53.49
CA GLU A 164 16.47 5.93 -52.48
C GLU A 164 15.30 6.10 -51.53
N PHE A 165 14.08 5.96 -52.03
CA PHE A 165 12.94 6.04 -51.12
C PHE A 165 13.01 4.92 -50.09
N ASN A 166 13.30 3.70 -50.56
CA ASN A 166 13.42 2.58 -49.66
C ASN A 166 14.50 2.84 -48.61
N GLU A 167 15.59 3.50 -48.99
CA GLU A 167 16.69 3.73 -48.05
C GLU A 167 16.25 4.72 -46.99
N HIS A 168 15.69 5.86 -47.38
CA HIS A 168 15.29 6.80 -46.30
C HIS A 168 14.00 6.42 -45.51
N LEU A 169 13.44 5.23 -45.73
CA LEU A 169 12.26 4.89 -44.95
C LEU A 169 12.57 4.80 -43.45
N GLU A 170 13.78 4.36 -43.10
CA GLU A 170 14.23 4.46 -41.71
C GLU A 170 14.19 5.89 -41.21
N VAL A 171 14.58 6.86 -42.04
CA VAL A 171 14.61 8.25 -41.59
C VAL A 171 13.20 8.70 -41.29
N VAL A 172 12.24 8.17 -42.04
CA VAL A 172 10.84 8.50 -41.76
C VAL A 172 10.46 7.98 -40.37
N ASP A 173 10.89 6.76 -40.05
CA ASP A 173 10.59 6.23 -38.73
C ASP A 173 11.24 7.07 -37.62
N LYS A 174 12.51 7.45 -37.84
CA LYS A 174 13.24 8.25 -36.86
C LYS A 174 12.56 9.58 -36.62
N ILE A 175 12.09 10.23 -37.68
CA ILE A 175 11.49 11.54 -37.45
C ILE A 175 10.14 11.38 -36.77
N ASN A 176 9.42 10.29 -37.06
CA ASN A 176 8.17 10.10 -36.32
C ASN A 176 8.45 9.96 -34.83
N GLN A 177 9.47 9.16 -34.47
CA GLN A 177 9.82 9.04 -33.05
C GLN A 177 10.29 10.37 -32.45
N VAL A 178 11.08 11.14 -33.20
CA VAL A 178 11.55 12.43 -32.69
C VAL A 178 10.39 13.34 -32.38
N CYS A 179 9.37 13.37 -33.23
CA CYS A 179 8.19 14.21 -32.96
C CYS A 179 7.41 13.72 -31.77
N LYS A 180 7.31 12.39 -31.61
CA LYS A 180 6.62 11.84 -30.45
C LYS A 180 7.29 12.28 -29.14
N ASN A 181 8.62 12.12 -29.07
CA ASN A 181 9.39 12.54 -27.90
C ASN A 181 9.31 14.04 -27.69
N LEU A 182 9.27 14.80 -28.79
CA LEU A 182 9.19 16.25 -28.66
C LEU A 182 7.90 16.66 -28.00
N GLN A 183 6.79 16.05 -28.40
CA GLN A 183 5.52 16.28 -27.69
C GLN A 183 5.66 15.97 -26.20
N PHE A 184 6.26 14.82 -25.88
CA PHE A 184 6.33 14.44 -24.46
C PHE A 184 7.09 15.48 -23.64
N TYR A 185 8.33 15.78 -24.04
CA TYR A 185 9.13 16.74 -23.29
C TYR A 185 8.54 18.17 -23.38
N LEU A 186 7.79 18.49 -24.43
CA LEU A 186 7.27 19.84 -24.58
C LEU A 186 6.05 20.09 -23.73
N ASN A 187 5.20 19.07 -23.55
CA ASN A 187 4.06 19.23 -22.66
C ASN A 187 4.48 19.50 -21.23
N LYS A 188 5.69 19.10 -20.83
CA LYS A 188 6.15 19.40 -19.48
C LYS A 188 6.34 20.89 -19.26
N MET A 189 6.57 21.67 -20.32
CA MET A 189 6.90 23.08 -20.21
C MET A 189 5.71 24.00 -20.33
N LYS A 190 4.71 23.61 -21.11
CA LYS A 190 3.63 24.53 -21.43
C LYS A 190 2.43 23.70 -21.89
N THR A 191 1.25 24.29 -21.73
CA THR A 191 0.01 23.71 -22.22
C THR A 191 -0.25 24.29 -23.60
N PHE A 192 -0.48 23.42 -24.57
CA PHE A 192 -0.59 23.82 -25.97
C PHE A 192 -2.03 23.67 -26.44
N GLU A 193 -2.61 24.76 -26.96
CA GLU A 193 -3.96 24.71 -27.51
C GLU A 193 -4.12 23.47 -28.40
N GLU A 194 -3.21 23.28 -29.34
CA GLU A 194 -3.17 22.11 -30.21
C GLU A 194 -1.82 21.43 -30.04
N PRO A 195 -1.79 20.10 -30.11
CA PRO A 195 -0.52 19.37 -29.87
C PRO A 195 0.61 19.88 -30.74
N PRO A 196 1.76 20.20 -30.11
CA PRO A 196 2.79 21.01 -30.80
C PRO A 196 3.43 20.38 -32.06
N PHE A 197 3.96 19.16 -31.99
CA PHE A 197 4.62 18.57 -33.15
C PHE A 197 3.83 17.41 -33.76
N GLU A 198 2.51 17.38 -33.52
CA GLU A 198 1.70 16.31 -34.07
C GLU A 198 1.26 16.66 -35.47
N LYS A 199 0.87 17.92 -35.67
CA LYS A 199 0.65 18.46 -36.99
C LYS A 199 1.88 18.22 -37.87
N GLU A 200 3.06 18.55 -37.36
CA GLU A 200 4.27 18.40 -38.15
C GLU A 200 4.52 16.95 -38.53
N ALA A 201 4.39 16.02 -37.58
CA ALA A 201 4.59 14.63 -37.96
C ALA A 201 3.63 14.21 -39.06
N ASN A 202 2.35 14.56 -38.91
CA ASN A 202 1.36 14.14 -39.88
C ASN A 202 1.63 14.74 -41.25
N ILE A 203 2.08 15.99 -41.30
CA ILE A 203 2.34 16.64 -42.58
C ILE A 203 3.51 15.98 -43.28
N ILE A 204 4.59 15.70 -42.56
CA ILE A 204 5.73 15.11 -43.25
C ILE A 204 5.42 13.69 -43.69
N VAL A 205 4.69 12.93 -42.87
CA VAL A 205 4.35 11.57 -43.24
C VAL A 205 3.44 11.57 -44.48
N ASP A 206 2.46 12.49 -44.51
CA ASP A 206 1.54 12.64 -45.61
C ASP A 206 2.26 12.96 -46.92
N ARG A 207 3.21 13.90 -46.87
CA ARG A 207 4.00 14.19 -48.07
C ARG A 207 4.77 12.96 -48.51
N TRP A 208 5.38 12.25 -47.58
CA TRP A 208 6.20 11.10 -47.96
C TRP A 208 5.36 10.03 -48.65
N LEU A 209 4.21 9.70 -48.06
CA LEU A 209 3.33 8.71 -48.66
C LEU A 209 2.82 9.18 -50.01
N ASP A 210 2.46 10.45 -50.13
CA ASP A 210 1.93 10.94 -51.40
C ASP A 210 2.95 10.75 -52.50
N ILE A 211 4.21 11.09 -52.24
CA ILE A 211 5.20 11.00 -53.29
C ILE A 211 5.54 9.54 -53.58
N ASN A 212 5.48 8.68 -52.57
CA ASN A 212 5.75 7.26 -52.78
C ASN A 212 4.68 6.59 -53.62
N GLU A 213 3.40 6.81 -53.26
CA GLU A 213 2.28 6.27 -54.01
C GLU A 213 2.24 6.83 -55.43
N LYS A 214 2.41 8.16 -55.56
CA LYS A 214 2.43 8.76 -56.89
C LYS A 214 3.52 8.15 -57.75
N THR A 215 4.72 8.00 -57.20
CA THR A 215 5.81 7.44 -57.96
C THR A 215 5.55 5.97 -58.31
N GLU A 216 4.92 5.21 -57.42
CA GLU A 216 4.63 3.81 -57.73
C GLU A 216 3.59 3.66 -58.84
N ASP A 217 2.54 4.49 -58.80
CA ASP A 217 1.56 4.52 -59.89
C ASP A 217 2.23 4.90 -61.22
N TYR A 218 3.06 5.94 -61.20
CA TYR A 218 3.77 6.33 -62.40
C TYR A 218 4.61 5.18 -62.94
N TYR A 219 5.25 4.43 -62.05
CA TYR A 219 6.07 3.31 -62.50
C TYR A 219 5.23 2.25 -63.22
N GLU A 220 4.08 1.90 -62.64
CA GLU A 220 3.31 0.85 -63.29
C GLU A 220 2.69 1.33 -64.61
N ASN A 221 2.37 2.62 -64.69
CA ASN A 221 1.91 3.19 -65.96
C ASN A 221 3.02 3.15 -67.01
N LEU A 222 4.24 3.53 -66.63
CA LEU A 222 5.33 3.43 -67.58
C LEU A 222 5.46 2.01 -68.13
N GLY A 223 5.38 1.00 -67.25
CA GLY A 223 5.46 -0.37 -67.74
C GLY A 223 4.32 -0.78 -68.67
N ARG A 224 3.09 -0.42 -68.32
CA ARG A 224 1.98 -0.77 -69.21
C ARG A 224 2.13 -0.10 -70.57
N ALA A 225 2.47 1.19 -70.60
CA ALA A 225 2.68 1.87 -71.88
C ALA A 225 3.81 1.21 -72.69
N LEU A 226 4.93 0.90 -72.05
CA LEU A 226 6.04 0.25 -72.75
C LEU A 226 5.58 -1.05 -73.41
N ALA A 227 4.67 -1.78 -72.76
CA ALA A 227 4.23 -3.05 -73.33
C ALA A 227 3.64 -2.87 -74.74
N LEU A 228 3.09 -1.71 -75.07
CA LEU A 228 2.50 -1.55 -76.40
C LEU A 228 3.52 -1.39 -77.52
N TRP A 229 4.78 -1.20 -77.23
CA TRP A 229 5.73 -1.05 -78.31
C TRP A 229 6.40 -2.37 -78.66
N ASP A 230 6.01 -3.45 -77.99
CA ASP A 230 6.41 -4.83 -78.33
C ASP A 230 7.88 -5.07 -77.98
N VAL B 5 14.98 -3.00 -10.56
CA VAL B 5 14.97 -3.18 -9.11
C VAL B 5 14.19 -2.04 -8.42
N ARG B 6 14.12 -0.89 -9.09
CA ARG B 6 13.25 0.23 -8.75
C ARG B 6 12.16 0.40 -9.80
N VAL B 7 11.17 1.25 -9.48
CA VAL B 7 9.92 1.38 -10.24
C VAL B 7 9.87 2.72 -10.99
N GLN B 8 9.16 2.71 -12.13
CA GLN B 8 9.12 3.84 -13.06
C GLN B 8 7.89 3.67 -13.98
N TYR B 9 7.31 4.76 -14.51
CA TYR B 9 6.26 4.56 -15.51
C TYR B 9 6.73 4.82 -16.93
N LEU B 10 5.89 4.38 -17.86
CA LEU B 10 5.96 4.71 -19.29
C LEU B 10 4.54 4.97 -19.76
N GLU B 11 4.26 6.17 -20.26
CA GLU B 11 2.91 6.46 -20.76
C GLU B 11 2.77 5.96 -22.20
N ASP B 12 2.00 4.88 -22.38
CA ASP B 12 1.80 4.24 -23.67
C ASP B 12 0.31 4.02 -23.97
N THR B 13 -0.55 4.92 -23.48
CA THR B 13 -2.00 4.78 -23.70
C THR B 13 -2.38 4.84 -25.17
N ASP B 14 -1.77 5.74 -25.93
CA ASP B 14 -1.98 5.81 -27.37
C ASP B 14 -0.81 5.12 -28.04
N PRO B 15 -0.99 3.93 -28.62
CA PRO B 15 0.16 3.26 -29.25
C PRO B 15 0.63 3.94 -30.54
N PHE B 16 -0.18 4.83 -31.11
CA PHE B 16 0.22 5.63 -32.26
C PHE B 16 0.93 6.90 -31.83
N ALA B 17 1.27 7.02 -30.56
CA ALA B 17 1.92 8.21 -30.04
C ALA B 17 2.73 7.88 -28.78
N CYS B 18 3.43 6.75 -28.78
CA CYS B 18 4.22 6.43 -27.61
C CYS B 18 5.40 7.38 -27.53
N ALA B 19 5.51 8.05 -26.39
CA ALA B 19 6.80 8.54 -25.94
C ALA B 19 7.71 7.35 -25.71
N ASN B 20 9.01 7.59 -25.82
CA ASN B 20 10.01 6.53 -25.77
C ASN B 20 10.73 6.46 -24.44
N PHE B 21 10.81 7.57 -23.71
CA PHE B 21 11.57 7.70 -22.47
C PHE B 21 10.66 7.42 -21.28
N PRO B 22 11.07 6.52 -20.37
CA PRO B 22 10.33 6.28 -19.12
C PRO B 22 10.62 7.32 -18.08
N GLU B 23 9.58 7.77 -17.38
CA GLU B 23 9.79 8.74 -16.32
C GLU B 23 9.35 8.13 -14.98
N PRO B 24 9.97 8.55 -13.85
CA PRO B 24 11.04 9.55 -13.72
C PRO B 24 12.45 9.12 -14.14
N ARG B 25 13.28 10.14 -14.37
CA ARG B 25 14.67 9.94 -14.72
C ARG B 25 15.42 9.17 -13.61
N ARG B 26 15.24 9.60 -12.36
CA ARG B 26 15.84 8.97 -11.20
C ARG B 26 14.73 8.18 -10.51
N ALA B 27 14.78 6.85 -10.65
CA ALA B 27 13.66 6.01 -10.27
C ALA B 27 13.34 6.12 -8.78
N PRO B 28 12.08 6.38 -8.40
CA PRO B 28 11.68 6.20 -7.00
C PRO B 28 11.80 4.74 -6.60
N THR B 29 11.98 4.53 -5.30
CA THR B 29 12.28 3.20 -4.79
C THR B 29 11.09 2.54 -4.13
N CYS B 30 10.96 1.24 -4.39
CA CYS B 30 10.13 0.33 -3.62
C CYS B 30 10.76 -1.02 -3.83
N SER B 31 10.79 -1.84 -2.78
CA SER B 31 11.54 -3.08 -2.92
C SER B 31 10.72 -4.32 -2.56
N LEU B 32 10.01 -4.43 -1.44
CA LEU B 32 9.13 -5.63 -1.54
C LEU B 32 7.61 -5.34 -1.51
N ASP B 33 6.78 -6.37 -1.30
CA ASP B 33 5.30 -6.19 -1.28
C ASP B 33 4.57 -7.11 -0.30
N LEU B 36 1.39 -12.09 -0.80
CA LEU B 36 1.98 -11.19 -1.77
C LEU B 36 1.17 -10.97 -3.07
N PRO B 37 -0.15 -10.73 -2.98
CA PRO B 37 -0.95 -10.58 -4.21
C PRO B 37 -0.82 -9.20 -4.84
N LEU B 38 -0.81 -9.16 -6.17
CA LEU B 38 -0.46 -7.94 -6.91
C LEU B 38 -1.65 -7.03 -7.23
N GLY B 39 -2.83 -7.62 -7.47
CA GLY B 39 -4.01 -6.82 -7.78
C GLY B 39 -4.27 -5.72 -6.76
N ALA B 40 -4.27 -6.09 -5.46
CA ALA B 40 -4.50 -5.11 -4.42
C ALA B 40 -3.30 -4.18 -4.18
N GLN B 41 -2.10 -4.57 -4.64
CA GLN B 41 -0.90 -3.79 -4.38
C GLN B 41 -0.60 -2.75 -5.46
N ILE B 42 -1.16 -2.89 -6.67
CA ILE B 42 -0.85 -1.93 -7.73
C ILE B 42 -1.30 -0.49 -7.44
N PRO B 43 -2.43 -0.23 -6.74
CA PRO B 43 -2.79 1.18 -6.48
C PRO B 43 -1.77 1.94 -5.62
N ALA B 44 -1.16 1.28 -4.64
CA ALA B 44 -0.13 1.96 -3.85
C ALA B 44 0.96 2.53 -4.76
N VAL B 45 1.46 1.72 -5.68
CA VAL B 45 2.52 2.20 -6.57
C VAL B 45 1.99 3.19 -7.61
N HIS B 46 0.74 3.01 -8.09
CA HIS B 46 0.15 3.96 -9.04
C HIS B 46 0.04 5.35 -8.45
N ARG B 47 -0.21 5.45 -7.14
CA ARG B 47 -0.16 6.77 -6.52
C ARG B 47 1.26 7.18 -6.09
N LEU B 48 2.11 6.22 -5.70
CA LEU B 48 3.51 6.51 -5.47
C LEU B 48 4.09 7.26 -6.66
N LEU B 49 3.65 6.90 -7.86
CA LEU B 49 4.06 7.53 -9.09
C LEU B 49 3.09 8.62 -9.56
N GLY B 50 1.84 8.58 -9.11
CA GLY B 50 0.83 9.52 -9.59
C GLY B 50 0.72 9.52 -11.10
N ALA B 51 0.80 8.35 -11.71
CA ALA B 51 0.97 8.28 -13.15
C ALA B 51 -0.34 8.59 -13.85
N PRO B 52 -0.27 9.16 -15.04
CA PRO B 52 -1.51 9.46 -15.79
C PRO B 52 -2.03 8.21 -16.47
N LEU B 53 -1.96 7.10 -15.77
CA LEU B 53 -2.35 5.80 -16.29
C LEU B 53 -3.48 5.26 -15.42
N LYS B 54 -4.55 4.88 -16.08
CA LYS B 54 -5.78 4.38 -15.47
C LYS B 54 -5.55 3.06 -14.71
N LEU B 55 -5.77 3.07 -13.38
CA LEU B 55 -5.38 1.95 -12.49
C LEU B 55 -5.69 0.58 -13.05
N GLU B 56 -6.92 0.13 -12.85
CA GLU B 56 -7.69 -0.54 -13.89
C GLU B 56 -6.91 -1.32 -14.93
N ASP B 57 -6.57 -0.60 -16.00
CA ASP B 57 -5.96 -1.09 -17.22
C ASP B 57 -4.45 -1.16 -17.15
N CYS B 58 -3.89 -1.07 -15.95
CA CYS B 58 -2.44 -1.06 -15.78
C CYS B 58 -1.92 -2.47 -15.54
N ALA B 59 -0.62 -2.61 -15.76
CA ALA B 59 0.12 -3.84 -15.49
C ALA B 59 1.57 -3.43 -15.31
N LEU B 60 2.38 -4.40 -14.91
CA LEU B 60 3.77 -4.17 -14.56
C LEU B 60 4.66 -5.04 -15.42
N GLN B 61 5.70 -4.43 -15.97
CA GLN B 61 6.65 -5.09 -16.84
C GLN B 61 8.02 -5.03 -16.19
N VAL B 62 8.69 -6.18 -16.15
CA VAL B 62 10.04 -6.26 -15.61
C VAL B 62 11.06 -5.63 -16.56
N SER B 63 12.01 -4.90 -15.96
CA SER B 63 12.89 -3.91 -16.57
C SER B 63 13.69 -4.49 -17.73
N PRO B 64 14.74 -5.31 -17.51
CA PRO B 64 15.54 -5.70 -18.67
C PRO B 64 14.85 -6.67 -19.60
N SER B 65 14.09 -7.61 -19.04
CA SER B 65 13.56 -8.76 -19.79
C SER B 65 12.31 -8.41 -20.60
N GLY B 66 11.42 -7.57 -20.07
CA GLY B 66 10.17 -7.27 -20.74
C GLY B 66 8.99 -8.14 -20.37
N TYR B 67 9.15 -9.06 -19.42
CA TYR B 67 8.07 -9.96 -19.04
C TYR B 67 6.97 -9.17 -18.32
N TYR B 68 5.71 -9.41 -18.70
CA TYR B 68 4.57 -8.75 -18.09
C TYR B 68 4.02 -9.62 -16.96
N LEU B 69 4.04 -9.08 -15.74
CA LEU B 69 3.63 -9.84 -14.57
C LEU B 69 2.14 -10.16 -14.56
N ASP B 70 1.82 -11.40 -14.21
CA ASP B 70 0.46 -11.83 -13.90
C ASP B 70 0.04 -11.37 -12.52
N THR B 71 -1.10 -10.67 -12.41
CA THR B 71 -1.50 -10.11 -11.10
C THR B 71 -1.93 -11.28 -10.20
N GLU B 72 -0.90 -12.00 -9.72
CA GLU B 72 -1.00 -13.23 -8.93
C GLU B 72 -0.27 -13.17 -7.62
N LEU B 73 0.94 -13.75 -7.66
CA LEU B 73 1.95 -13.80 -6.57
C LEU B 73 3.22 -13.11 -7.07
N SER B 74 3.96 -12.43 -6.20
CA SER B 74 5.32 -12.14 -6.62
C SER B 74 6.12 -13.42 -6.55
N LEU B 75 5.81 -14.24 -5.55
CA LEU B 75 6.44 -15.53 -5.33
C LEU B 75 6.11 -16.55 -6.43
N GLU B 76 4.96 -16.48 -7.10
CA GLU B 76 4.95 -17.44 -8.21
C GLU B 76 5.65 -16.88 -9.45
N GLU B 77 5.65 -15.56 -9.66
CA GLU B 77 6.22 -15.07 -10.91
C GLU B 77 7.74 -15.11 -10.84
N GLN B 78 8.27 -14.82 -9.64
CA GLN B 78 9.47 -15.43 -9.07
C GLN B 78 9.83 -16.74 -9.76
N ARG B 79 9.09 -17.80 -9.43
CA ARG B 79 9.42 -19.12 -9.93
C ARG B 79 9.33 -19.19 -11.45
N GLU B 80 8.42 -18.43 -12.06
CA GLU B 80 8.52 -18.27 -13.51
C GLU B 80 9.90 -17.66 -13.67
N MET B 81 10.01 -16.33 -13.56
CA MET B 81 11.35 -15.73 -13.58
C MET B 81 11.76 -15.03 -12.29
N PHE B 85 14.50 -10.82 -13.39
CA PHE B 85 15.30 -10.87 -12.17
C PHE B 85 16.63 -11.57 -12.25
N TYR B 86 16.61 -12.87 -12.50
CA TYR B 86 17.84 -13.68 -12.52
C TYR B 86 18.55 -13.51 -11.17
N GLU B 87 19.88 -13.47 -11.15
CA GLU B 87 20.68 -13.39 -9.92
C GLU B 87 20.71 -11.99 -9.29
N GLU B 88 20.35 -10.94 -10.03
CA GLU B 88 20.51 -9.58 -9.49
C GLU B 88 19.71 -9.31 -8.22
N ILE B 89 18.51 -9.89 -8.09
CA ILE B 89 17.68 -9.64 -6.91
C ILE B 89 18.40 -10.06 -5.64
N SER B 90 19.11 -11.21 -5.65
CA SER B 90 19.75 -11.75 -4.45
C SER B 90 20.84 -10.82 -3.90
N LYS B 91 21.42 -9.98 -4.76
CA LYS B 91 22.22 -8.86 -4.33
C LYS B 91 21.40 -7.94 -3.44
N LEU B 97 11.75 -1.33 -13.33
CA LEU B 97 10.46 -2.01 -13.40
C LEU B 97 9.37 -0.99 -13.76
N ILE B 98 8.66 -1.21 -14.87
CA ILE B 98 7.78 -0.19 -15.46
C ILE B 98 6.31 -0.52 -15.22
N LEU B 99 5.58 0.48 -14.71
CA LEU B 99 4.12 0.46 -14.69
C LEU B 99 3.60 1.06 -16.00
N ARG B 100 2.84 0.29 -16.79
CA ARG B 100 2.31 0.81 -18.07
C ARG B 100 0.95 0.16 -18.36
N THR B 101 0.39 0.41 -19.55
CA THR B 101 -0.95 -0.11 -19.83
C THR B 101 -0.87 -1.56 -20.32
N GLN B 102 -1.93 -2.31 -20.03
CA GLN B 102 -2.01 -3.70 -20.47
C GLN B 102 -1.91 -3.81 -21.98
N LEU B 103 -1.30 -4.90 -22.44
CA LEU B 103 -1.30 -5.18 -23.88
C LEU B 103 -2.73 -5.27 -24.41
N SER B 104 -3.65 -5.79 -23.60
CA SER B 104 -5.07 -5.84 -23.94
C SER B 104 -5.57 -4.46 -24.36
N VAL B 105 -5.39 -3.49 -23.46
CA VAL B 105 -5.90 -2.14 -23.67
C VAL B 105 -5.22 -1.47 -24.86
N ARG B 106 -3.92 -1.73 -25.06
CA ARG B 106 -3.27 -1.11 -26.20
C ARG B 106 -3.76 -1.68 -27.52
N VAL B 107 -3.89 -3.01 -27.63
CA VAL B 107 -4.39 -3.53 -28.90
C VAL B 107 -5.85 -3.11 -29.10
N ASN B 108 -6.61 -2.88 -28.01
CA ASN B 108 -7.96 -2.39 -28.21
C ASN B 108 -7.94 -1.01 -28.84
N ALA B 109 -7.05 -0.13 -28.39
CA ALA B 109 -6.94 1.18 -29.03
C ALA B 109 -6.52 1.06 -30.50
N ILE B 110 -5.69 0.08 -30.82
CA ILE B 110 -5.29 -0.13 -32.21
C ILE B 110 -6.51 -0.54 -33.06
N LEU B 111 -7.19 -1.60 -32.63
CA LEU B 111 -8.39 -2.08 -33.33
C LEU B 111 -9.44 -1.00 -33.42
N GLU B 112 -9.58 -0.20 -32.37
CA GLU B 112 -10.50 0.93 -32.40
C GLU B 112 -10.16 1.87 -33.54
N LYS B 113 -8.90 2.32 -33.59
CA LYS B 113 -8.52 3.30 -34.60
C LYS B 113 -8.80 2.76 -35.99
N LEU B 114 -8.46 1.48 -36.21
CA LEU B 114 -8.62 0.88 -37.53
C LEU B 114 -10.08 0.71 -37.92
N TYR B 115 -10.93 0.32 -36.99
CA TYR B 115 -12.34 0.12 -37.29
C TYR B 115 -13.14 1.42 -37.33
N SER B 116 -12.58 2.54 -36.85
CA SER B 116 -13.38 3.74 -36.72
C SER B 116 -12.91 4.95 -37.52
N SER B 117 -11.80 4.88 -38.20
CA SER B 117 -11.27 6.03 -38.91
C SER B 117 -11.27 5.79 -40.41
N SER B 118 -10.79 6.78 -41.15
CA SER B 118 -10.97 6.85 -42.59
C SER B 118 -10.06 7.92 -43.17
N GLY B 119 -9.94 7.92 -44.48
CA GLY B 119 -9.25 8.97 -45.17
C GLY B 119 -7.78 9.02 -44.84
N PRO B 120 -7.29 10.23 -44.56
CA PRO B 120 -5.89 10.37 -44.11
C PRO B 120 -5.53 9.72 -42.76
N GLU B 121 -6.38 9.80 -41.71
CA GLU B 121 -6.03 9.12 -40.46
C GLU B 121 -5.81 7.65 -40.74
N LEU B 122 -6.80 7.02 -41.37
CA LEU B 122 -6.68 5.58 -41.61
C LEU B 122 -5.35 5.27 -42.31
N ARG B 123 -5.01 6.05 -43.34
CA ARG B 123 -3.81 5.76 -44.10
C ARG B 123 -2.61 5.82 -43.20
N ARG B 124 -2.47 6.91 -42.44
CA ARG B 124 -1.36 7.07 -41.51
C ARG B 124 -1.24 5.92 -40.54
N SER B 125 -2.36 5.52 -39.93
CA SER B 125 -2.35 4.45 -38.94
C SER B 125 -1.89 3.13 -39.55
N LEU B 126 -2.39 2.79 -40.74
CA LEU B 126 -1.96 1.52 -41.32
C LEU B 126 -0.47 1.57 -41.64
N PHE B 127 0.00 2.74 -42.05
CA PHE B 127 1.43 2.86 -42.32
C PHE B 127 2.26 2.70 -41.05
N SER B 128 1.74 3.14 -39.92
CA SER B 128 2.43 3.02 -38.65
C SER B 128 2.38 1.62 -38.05
N LEU B 129 1.39 0.80 -38.40
CA LEU B 129 1.32 -0.53 -37.81
C LEU B 129 2.64 -1.29 -37.91
N LYS B 130 3.38 -1.15 -39.02
CA LYS B 130 4.62 -1.90 -39.15
C LYS B 130 5.57 -1.57 -38.01
N GLN B 131 5.77 -0.28 -37.77
CA GLN B 131 6.65 0.19 -36.72
C GLN B 131 6.15 -0.23 -35.35
N ILE B 132 4.85 -0.07 -35.11
CA ILE B 132 4.28 -0.42 -33.81
C ILE B 132 4.55 -1.88 -33.47
N PHE B 133 4.35 -2.78 -34.44
CA PHE B 133 4.58 -4.19 -34.19
C PHE B 133 6.07 -4.52 -34.15
N GLN B 134 6.85 -3.88 -35.01
CA GLN B 134 8.28 -4.12 -35.05
C GLN B 134 8.93 -3.80 -33.72
N GLU B 135 8.57 -2.65 -33.14
CA GLU B 135 9.25 -2.12 -31.97
C GLU B 135 8.51 -2.41 -30.66
N ASP B 136 7.36 -3.10 -30.71
CA ASP B 136 6.86 -3.78 -29.50
C ASP B 136 6.36 -5.17 -29.93
N LYS B 137 7.31 -6.12 -29.98
CA LYS B 137 7.05 -7.45 -30.55
C LYS B 137 5.88 -8.15 -29.86
N ASP B 138 5.83 -8.07 -28.53
CA ASP B 138 4.78 -8.70 -27.72
C ASP B 138 3.37 -8.22 -28.02
N LEU B 139 3.19 -7.16 -28.80
CA LEU B 139 1.82 -6.77 -29.14
C LEU B 139 1.16 -7.77 -30.09
N VAL B 140 1.95 -8.50 -30.88
CA VAL B 140 1.35 -9.27 -31.98
C VAL B 140 0.49 -10.43 -31.48
N PRO B 141 0.82 -11.15 -30.42
CA PRO B 141 -0.08 -12.23 -30.01
C PRO B 141 -1.43 -11.74 -29.54
N GLU B 142 -1.45 -10.75 -28.65
CA GLU B 142 -2.72 -10.19 -28.19
C GLU B 142 -3.55 -9.67 -29.38
N PHE B 143 -2.88 -9.03 -30.35
CA PHE B 143 -3.56 -8.63 -31.58
C PHE B 143 -4.25 -9.81 -32.25
N VAL B 144 -3.54 -10.92 -32.44
CA VAL B 144 -4.18 -12.09 -33.01
C VAL B 144 -5.36 -12.53 -32.15
N HIS B 145 -5.22 -12.43 -30.83
CA HIS B 145 -6.26 -12.84 -29.89
C HIS B 145 -7.52 -11.98 -30.04
N SER B 146 -7.37 -10.74 -30.52
CA SER B 146 -8.49 -9.81 -30.61
C SER B 146 -9.09 -9.71 -32.03
N GLU B 147 -9.05 -10.77 -32.84
CA GLU B 147 -9.56 -10.71 -34.22
C GLU B 147 -8.87 -9.61 -35.03
N GLY B 148 -7.63 -9.28 -34.68
CA GLY B 148 -6.91 -8.28 -35.45
C GLY B 148 -6.77 -8.64 -36.90
N LEU B 149 -6.66 -9.94 -37.21
CA LEU B 149 -6.59 -10.34 -38.61
C LEU B 149 -7.93 -10.12 -39.32
N SER B 150 -9.02 -10.54 -38.69
CA SER B 150 -10.33 -10.20 -39.23
C SER B 150 -10.43 -8.72 -39.51
N CYS B 151 -9.88 -7.89 -38.63
CA CYS B 151 -9.95 -6.45 -38.85
C CYS B 151 -9.16 -6.06 -40.11
N LEU B 152 -7.93 -6.51 -40.20
CA LEU B 152 -7.08 -6.12 -41.31
C LEU B 152 -7.71 -6.49 -42.64
N ILE B 153 -8.19 -7.72 -42.75
CA ILE B 153 -8.78 -8.16 -44.01
C ILE B 153 -10.08 -7.42 -44.28
N ARG B 154 -10.89 -7.27 -43.26
CA ARG B 154 -12.21 -6.72 -43.48
C ARG B 154 -12.11 -5.23 -43.84
N VAL B 155 -10.96 -4.59 -43.59
CA VAL B 155 -10.68 -3.27 -44.19
C VAL B 155 -10.03 -3.43 -45.56
N GLY B 156 -9.03 -4.30 -45.69
CA GLY B 156 -8.29 -4.44 -46.94
C GLY B 156 -9.15 -4.87 -48.12
N ALA B 157 -10.13 -5.74 -47.90
CA ALA B 157 -10.97 -6.21 -49.01
C ALA B 157 -11.85 -5.13 -49.58
N ALA B 158 -11.86 -3.93 -48.99
CA ALA B 158 -12.68 -2.83 -49.49
C ALA B 158 -11.88 -1.56 -49.82
N ALA B 159 -10.56 -1.62 -49.89
CA ALA B 159 -9.76 -0.40 -50.04
C ALA B 159 -8.94 -0.45 -51.32
N ASP B 160 -8.38 0.71 -51.70
CA ASP B 160 -7.57 0.72 -52.90
C ASP B 160 -6.21 0.09 -52.66
N HIS B 161 -5.44 0.01 -53.74
CA HIS B 161 -4.21 -0.76 -53.70
C HIS B 161 -3.20 -0.14 -52.74
N ASN B 162 -3.24 1.17 -52.50
CA ASN B 162 -2.30 1.76 -51.56
C ASN B 162 -2.61 1.37 -50.12
N TYR B 163 -3.87 1.56 -49.70
CA TYR B 163 -4.26 1.06 -48.38
C TYR B 163 -3.88 -0.40 -48.26
N GLN B 164 -4.10 -1.19 -49.33
CA GLN B 164 -3.79 -2.60 -49.24
C GLN B 164 -2.29 -2.85 -49.09
N SER B 165 -1.45 -2.06 -49.74
CA SER B 165 -0.04 -2.35 -49.60
C SER B 165 0.44 -2.01 -48.18
N TYR B 166 -0.13 -0.99 -47.52
CA TYR B 166 0.26 -0.79 -46.11
C TYR B 166 -0.20 -1.95 -45.25
N ILE B 167 -1.46 -2.37 -45.39
CA ILE B 167 -1.93 -3.52 -44.65
C ILE B 167 -1.01 -4.72 -44.86
N LEU B 168 -0.50 -4.89 -46.08
CA LEU B 168 0.32 -6.07 -46.32
C LEU B 168 1.69 -5.93 -45.68
N ARG B 169 2.24 -4.72 -45.63
CA ARG B 169 3.51 -4.53 -44.92
C ARG B 169 3.35 -4.85 -43.44
N ALA B 170 2.26 -4.37 -42.83
CA ALA B 170 2.00 -4.74 -41.44
C ALA B 170 1.89 -6.25 -41.30
N LEU B 171 1.16 -6.88 -42.21
CA LEU B 171 0.92 -8.30 -42.04
C LEU B 171 2.21 -9.10 -42.19
N GLY B 172 3.07 -8.72 -43.13
CA GLY B 172 4.36 -9.38 -43.25
C GLY B 172 5.19 -9.22 -42.00
N GLN B 173 5.12 -8.03 -41.39
CA GLN B 173 5.77 -7.86 -40.09
C GLN B 173 5.23 -8.87 -39.07
N LEU B 174 3.91 -8.96 -38.90
CA LEU B 174 3.33 -9.97 -38.01
C LEU B 174 3.87 -11.36 -38.27
N MET B 175 3.95 -11.73 -39.54
CA MET B 175 4.34 -13.11 -39.84
C MET B 175 5.83 -13.34 -39.72
N LEU B 176 6.62 -12.28 -39.49
CA LEU B 176 8.00 -12.53 -39.09
C LEU B 176 8.10 -13.12 -37.69
N PHE B 177 7.06 -12.98 -36.87
CA PHE B 177 7.04 -13.49 -35.51
C PHE B 177 6.24 -14.77 -35.46
N VAL B 178 6.71 -15.71 -34.63
CA VAL B 178 6.14 -17.04 -34.60
C VAL B 178 4.64 -16.98 -34.30
N ASP B 179 4.27 -16.12 -33.35
CA ASP B 179 2.87 -16.02 -32.94
C ASP B 179 2.01 -15.45 -34.06
N GLY B 180 2.50 -14.42 -34.75
CA GLY B 180 1.77 -13.94 -35.90
C GLY B 180 1.62 -15.00 -36.98
N MET B 181 2.69 -15.76 -37.23
CA MET B 181 2.62 -16.85 -38.19
C MET B 181 1.53 -17.85 -37.83
N LEU B 182 1.46 -18.22 -36.56
CA LEU B 182 0.42 -19.16 -36.13
C LEU B 182 -0.97 -18.54 -36.26
N GLY B 183 -1.07 -17.23 -36.00
CA GLY B 183 -2.37 -16.59 -36.14
C GLY B 183 -2.91 -16.67 -37.56
N VAL B 184 -2.04 -16.44 -38.56
CA VAL B 184 -2.51 -16.57 -39.93
C VAL B 184 -2.79 -18.04 -40.26
N VAL B 185 -2.00 -18.97 -39.71
CA VAL B 185 -2.29 -20.39 -39.92
C VAL B 185 -3.68 -20.74 -39.39
N ALA B 186 -4.16 -19.99 -38.40
CA ALA B 186 -5.53 -20.19 -37.91
C ALA B 186 -6.57 -19.50 -38.80
N HIS B 187 -6.24 -18.31 -39.33
CA HIS B 187 -7.18 -17.42 -40.02
C HIS B 187 -7.25 -17.77 -41.51
N SER B 188 -8.27 -18.54 -41.91
CA SER B 188 -8.38 -18.91 -43.32
C SER B 188 -8.62 -17.69 -44.20
N ASP B 189 -9.42 -16.74 -43.71
CA ASP B 189 -9.73 -15.56 -44.52
C ASP B 189 -8.47 -14.84 -44.97
N THR B 190 -7.38 -14.90 -44.19
CA THR B 190 -6.17 -14.21 -44.61
C THR B 190 -5.61 -14.79 -45.90
N ILE B 191 -5.47 -16.11 -45.94
CA ILE B 191 -4.88 -16.74 -47.11
C ILE B 191 -5.80 -16.56 -48.32
N GLN B 192 -7.10 -16.72 -48.10
CA GLN B 192 -8.07 -16.42 -49.14
C GLN B 192 -7.87 -15.01 -49.67
N TRP B 193 -7.69 -14.04 -48.78
CA TRP B 193 -7.49 -12.70 -49.27
C TRP B 193 -6.21 -12.59 -50.09
N LEU B 194 -5.15 -13.27 -49.69
CA LEU B 194 -3.90 -13.14 -50.45
C LEU B 194 -4.06 -13.72 -51.86
N TYR B 195 -4.76 -14.85 -51.97
CA TYR B 195 -5.01 -15.39 -53.30
C TYR B 195 -5.90 -14.44 -54.11
N THR B 196 -6.96 -13.91 -53.50
CA THR B 196 -7.75 -12.91 -54.18
C THR B 196 -6.87 -11.77 -54.69
N LEU B 197 -5.90 -11.33 -53.86
CA LEU B 197 -4.99 -10.24 -54.22
C LEU B 197 -4.06 -10.61 -55.37
N CYS B 198 -3.82 -11.90 -55.62
CA CYS B 198 -3.05 -12.20 -56.82
C CYS B 198 -3.77 -11.80 -58.10
N ALA B 199 -5.03 -11.36 -58.03
CA ALA B 199 -5.74 -10.85 -59.18
C ALA B 199 -5.81 -9.32 -59.20
N SER B 200 -5.07 -8.65 -58.33
CA SER B 200 -5.14 -7.19 -58.25
C SER B 200 -4.57 -6.60 -59.52
N LEU B 201 -5.00 -5.37 -59.83
CA LEU B 201 -4.41 -4.64 -60.94
C LEU B 201 -3.14 -3.92 -60.53
N SER B 202 -2.82 -3.91 -59.25
CA SER B 202 -1.59 -3.30 -58.77
C SER B 202 -0.50 -4.36 -58.78
N ARG B 203 0.55 -4.11 -59.56
CA ARG B 203 1.63 -5.09 -59.60
C ARG B 203 2.38 -5.15 -58.28
N LEU B 204 2.42 -4.03 -57.56
CA LEU B 204 3.01 -4.04 -56.23
C LEU B 204 2.23 -4.92 -55.28
N VAL B 205 0.91 -4.74 -55.23
CA VAL B 205 0.10 -5.59 -54.37
C VAL B 205 0.25 -7.04 -54.77
N VAL B 206 0.33 -7.36 -56.06
CA VAL B 206 0.43 -8.77 -56.42
C VAL B 206 1.77 -9.34 -55.96
N LYS B 207 2.87 -8.64 -56.27
CA LYS B 207 4.19 -9.07 -55.82
C LYS B 207 4.19 -9.34 -54.31
N THR B 208 3.62 -8.41 -53.55
CA THR B 208 3.66 -8.55 -52.11
C THR B 208 2.82 -9.75 -51.66
N ALA B 209 1.58 -9.86 -52.15
CA ALA B 209 0.74 -10.98 -51.76
C ALA B 209 1.45 -12.30 -52.05
N LEU B 210 2.04 -12.41 -53.24
CA LEU B 210 2.71 -13.66 -53.62
C LEU B 210 3.82 -14.01 -52.66
N LYS B 211 4.72 -13.06 -52.37
CA LYS B 211 5.82 -13.47 -51.51
C LYS B 211 5.37 -13.70 -50.07
N LEU B 212 4.26 -13.08 -49.62
CA LEU B 212 3.69 -13.49 -48.33
C LEU B 212 3.19 -14.93 -48.40
N LEU B 213 2.56 -15.31 -49.52
CA LEU B 213 2.14 -16.69 -49.68
C LEU B 213 3.32 -17.63 -49.71
N LEU B 214 4.45 -17.15 -50.24
CA LEU B 214 5.67 -17.95 -50.21
C LEU B 214 6.21 -18.14 -48.79
N VAL B 215 6.38 -17.08 -48.00
CA VAL B 215 6.83 -17.30 -46.62
C VAL B 215 5.83 -18.17 -45.87
N PHE B 216 4.54 -18.06 -46.21
CA PHE B 216 3.53 -18.90 -45.55
C PHE B 216 3.76 -20.37 -45.84
N VAL B 217 4.00 -20.74 -47.12
CA VAL B 217 4.22 -22.15 -47.40
C VAL B 217 5.62 -22.61 -47.05
N GLU B 218 6.59 -21.69 -46.89
CA GLU B 218 7.94 -22.08 -46.50
C GLU B 218 8.10 -22.22 -44.99
N TYR B 219 7.32 -21.49 -44.20
CA TYR B 219 7.41 -21.62 -42.76
C TYR B 219 7.20 -23.07 -42.35
N SER B 220 6.05 -23.63 -42.71
CA SER B 220 5.85 -25.04 -42.46
C SER B 220 5.44 -25.77 -43.74
N GLU B 221 5.15 -27.04 -43.59
CA GLU B 221 4.72 -27.91 -44.66
C GLU B 221 3.28 -28.33 -44.51
N ASN B 222 2.79 -28.33 -43.28
CA ASN B 222 1.42 -28.73 -43.04
C ASN B 222 0.44 -27.74 -43.64
N ASN B 223 0.89 -26.53 -43.95
CA ASN B 223 0.01 -25.48 -44.46
C ASN B 223 0.01 -25.36 -45.99
N ALA B 224 0.77 -26.21 -46.69
CA ALA B 224 0.50 -26.42 -48.11
C ALA B 224 -0.95 -26.83 -48.35
N PRO B 225 -1.53 -27.81 -47.64
CA PRO B 225 -2.97 -28.06 -47.78
C PRO B 225 -3.83 -26.88 -47.41
N LEU B 226 -3.41 -26.07 -46.43
CA LEU B 226 -4.22 -24.93 -46.00
C LEU B 226 -4.35 -23.94 -47.14
N PHE B 227 -3.23 -23.63 -47.77
CA PHE B 227 -3.20 -22.83 -49.00
C PHE B 227 -4.10 -23.42 -50.10
N ILE B 228 -3.90 -24.70 -50.45
CA ILE B 228 -4.65 -25.27 -51.58
C ILE B 228 -6.15 -25.15 -51.28
N ARG B 229 -6.55 -25.31 -50.01
CA ARG B 229 -7.96 -25.17 -49.69
C ARG B 229 -8.44 -23.75 -49.79
N ALA B 230 -7.62 -22.78 -49.36
CA ALA B 230 -8.06 -21.41 -49.49
C ALA B 230 -8.36 -21.09 -50.95
N VAL B 231 -7.49 -21.53 -51.86
CA VAL B 231 -7.74 -21.24 -53.27
C VAL B 231 -9.03 -21.91 -53.72
N ASN B 232 -9.26 -23.17 -53.29
CA ASN B 232 -10.50 -23.83 -53.68
C ASN B 232 -11.73 -23.10 -53.13
N SER B 233 -11.62 -22.56 -51.92
CA SER B 233 -12.78 -21.92 -51.29
C SER B 233 -13.13 -20.64 -52.01
N VAL B 234 -12.12 -19.86 -52.37
CA VAL B 234 -12.39 -18.63 -53.10
C VAL B 234 -12.89 -18.94 -54.51
N ALA B 235 -12.30 -19.93 -55.18
CA ALA B 235 -12.83 -20.33 -56.49
C ALA B 235 -14.31 -20.66 -56.40
N SER B 236 -14.71 -21.32 -55.31
CA SER B 236 -16.10 -21.76 -55.18
C SER B 236 -17.05 -20.58 -54.92
N THR B 237 -16.64 -19.65 -54.03
CA THR B 237 -17.50 -18.49 -53.78
C THR B 237 -17.57 -17.56 -54.98
N THR B 238 -16.48 -17.40 -55.71
CA THR B 238 -16.37 -16.33 -56.68
C THR B 238 -16.91 -16.73 -58.05
N GLY B 239 -17.05 -18.04 -58.30
CA GLY B 239 -17.49 -18.55 -59.57
C GLY B 239 -16.39 -18.87 -60.57
N ALA B 240 -15.16 -18.65 -60.22
CA ALA B 240 -14.06 -18.90 -61.13
C ALA B 240 -13.45 -20.28 -60.90
N PRO B 241 -12.71 -20.80 -61.88
CA PRO B 241 -11.99 -22.06 -61.65
C PRO B 241 -10.96 -21.87 -60.64
N PRO B 242 -10.58 -22.89 -59.84
CA PRO B 242 -9.44 -22.80 -58.95
C PRO B 242 -8.15 -22.52 -59.72
N TRP B 243 -7.33 -21.62 -59.16
CA TRP B 243 -5.95 -21.27 -59.57
C TRP B 243 -5.93 -20.24 -60.70
N ALA B 244 -7.08 -19.68 -61.07
CA ALA B 244 -7.11 -18.75 -62.20
C ALA B 244 -6.20 -17.55 -61.96
N ASN B 245 -5.99 -17.15 -60.70
CA ASN B 245 -5.18 -15.97 -60.43
C ASN B 245 -3.71 -16.24 -60.68
N LEU B 246 -3.21 -17.40 -60.24
CA LEU B 246 -1.80 -17.71 -60.50
C LEU B 246 -1.53 -17.81 -61.99
N VAL B 247 -2.31 -18.61 -62.72
CA VAL B 247 -2.06 -18.75 -64.14
C VAL B 247 -2.35 -17.46 -64.91
N SER B 248 -3.28 -16.65 -64.43
CA SER B 248 -3.47 -15.35 -65.07
C SER B 248 -2.20 -14.51 -64.95
N ILE B 249 -1.52 -14.56 -63.80
CA ILE B 249 -0.20 -13.91 -63.70
C ILE B 249 0.79 -14.59 -64.63
N LEU B 250 0.63 -15.90 -64.84
CA LEU B 250 1.55 -16.63 -65.70
C LEU B 250 1.45 -16.20 -67.15
N GLU B 251 0.25 -15.74 -67.57
CA GLU B 251 -0.01 -15.37 -68.96
C GLU B 251 0.34 -13.91 -69.26
N GLU B 252 1.11 -13.26 -68.39
CA GLU B 252 1.71 -11.94 -68.58
C GLU B 252 0.80 -11.01 -69.39
N LYS B 253 -0.48 -10.99 -69.02
CA LYS B 253 -1.48 -10.18 -69.71
C LYS B 253 -1.25 -8.69 -69.46
N ASN B 254 -0.59 -8.34 -68.36
CA ASN B 254 -0.20 -6.97 -68.08
C ASN B 254 1.04 -6.59 -68.87
N GLY B 255 1.79 -7.58 -69.33
CA GLY B 255 3.04 -7.50 -70.05
C GLY B 255 4.08 -8.35 -69.37
N ALA B 256 5.32 -8.24 -69.84
CA ALA B 256 6.40 -9.08 -69.33
C ALA B 256 6.72 -8.73 -67.87
N ASP B 257 7.13 -9.76 -67.11
CA ASP B 257 7.35 -9.64 -65.67
C ASP B 257 8.11 -10.85 -65.14
N PRO B 258 9.43 -11.01 -65.48
CA PRO B 258 10.12 -12.29 -65.27
C PRO B 258 10.03 -12.75 -63.83
N GLU B 259 10.56 -11.89 -63.00
CA GLU B 259 10.22 -11.50 -61.64
C GLU B 259 8.90 -12.00 -61.03
N LEU B 260 7.75 -11.48 -61.47
CA LEU B 260 6.51 -12.04 -60.93
C LEU B 260 6.36 -13.49 -61.30
N LEU B 261 6.77 -13.84 -62.52
CA LEU B 261 6.63 -15.22 -62.97
C LEU B 261 7.41 -16.17 -62.08
N VAL B 262 8.63 -15.76 -61.69
CA VAL B 262 9.48 -16.61 -60.86
C VAL B 262 8.85 -16.82 -59.50
N TYR B 263 8.36 -15.74 -58.90
CA TYR B 263 7.66 -15.93 -57.63
C TYR B 263 6.48 -16.92 -57.80
N THR B 264 5.67 -16.75 -58.85
CA THR B 264 4.48 -17.59 -59.00
C THR B 264 4.83 -19.05 -59.21
N VAL B 265 5.82 -19.33 -60.06
CA VAL B 265 6.16 -20.73 -60.30
C VAL B 265 6.83 -21.34 -59.09
N THR B 266 7.73 -20.60 -58.38
CA THR B 266 8.36 -21.21 -57.20
C THR B 266 7.31 -21.54 -56.16
N LEU B 267 6.31 -20.66 -56.00
CA LEU B 267 5.20 -20.94 -55.10
C LEU B 267 4.49 -22.24 -55.48
N ILE B 268 4.11 -22.38 -56.76
CA ILE B 268 3.37 -23.59 -57.11
C ILE B 268 4.25 -24.82 -56.91
N ASN B 269 5.55 -24.70 -57.17
CA ASN B 269 6.50 -25.77 -56.94
C ASN B 269 6.54 -26.18 -55.46
N LYS B 270 6.80 -25.24 -54.56
CA LYS B 270 6.95 -25.80 -53.23
C LYS B 270 5.62 -26.12 -52.60
N THR B 271 4.52 -25.72 -53.21
CA THR B 271 3.25 -26.24 -52.74
C THR B 271 3.12 -27.69 -53.15
N LEU B 272 3.60 -28.02 -54.36
CA LEU B 272 3.57 -29.42 -54.81
C LEU B 272 4.51 -30.30 -53.98
N ALA B 273 5.75 -29.82 -53.75
CA ALA B 273 6.80 -30.66 -53.16
C ALA B 273 6.57 -30.95 -51.68
N ALA B 274 5.60 -30.30 -51.06
CA ALA B 274 5.33 -30.42 -49.63
C ALA B 274 3.97 -31.08 -49.39
N LEU B 275 3.62 -32.06 -50.22
CA LEU B 275 2.29 -32.64 -50.11
C LEU B 275 2.34 -34.15 -50.30
N PRO B 276 1.92 -34.91 -49.28
CA PRO B 276 2.06 -36.38 -49.35
C PRO B 276 1.06 -37.04 -50.27
N ASP B 277 -0.13 -36.48 -50.38
CA ASP B 277 -1.16 -37.05 -51.22
C ASP B 277 -0.68 -36.96 -52.67
N GLN B 278 -0.46 -38.10 -53.34
CA GLN B 278 -0.19 -38.04 -54.78
C GLN B 278 -1.47 -37.88 -55.55
N ASP B 279 -2.56 -38.13 -54.86
CA ASP B 279 -3.95 -38.15 -55.26
C ASP B 279 -4.50 -36.72 -55.22
N SER B 280 -4.22 -35.98 -54.13
CA SER B 280 -4.45 -34.52 -54.12
C SER B 280 -3.49 -33.76 -55.05
N PHE B 281 -2.22 -34.17 -55.11
CA PHE B 281 -1.30 -33.55 -56.09
C PHE B 281 -1.77 -33.74 -57.53
N TYR B 282 -2.18 -34.95 -57.92
CA TYR B 282 -2.73 -35.07 -59.27
C TYR B 282 -4.02 -34.26 -59.42
N ASP B 283 -4.84 -34.17 -58.36
CA ASP B 283 -5.99 -33.27 -58.37
C ASP B 283 -5.59 -31.85 -58.80
N VAL B 284 -4.61 -31.27 -58.12
CA VAL B 284 -4.34 -29.86 -58.34
C VAL B 284 -3.65 -29.66 -59.70
N THR B 285 -2.72 -30.56 -60.06
CA THR B 285 -2.03 -30.41 -61.32
C THR B 285 -2.95 -30.63 -62.53
N ASP B 286 -4.00 -31.46 -62.39
CA ASP B 286 -5.05 -31.49 -63.39
C ASP B 286 -5.79 -30.16 -63.46
N ALA B 287 -6.31 -29.69 -62.32
CA ALA B 287 -7.01 -28.42 -62.31
C ALA B 287 -6.22 -27.32 -63.00
N LEU B 288 -4.89 -27.36 -62.93
CA LEU B 288 -4.12 -26.28 -63.55
C LEU B 288 -3.60 -26.55 -64.98
N GLU B 289 -3.14 -27.77 -65.38
CA GLU B 289 -2.89 -27.97 -66.82
C GLU B 289 -4.16 -27.83 -67.65
N GLN B 290 -5.31 -28.08 -67.05
CA GLN B 290 -6.57 -27.75 -67.69
C GLN B 290 -6.56 -26.29 -68.19
N GLN B 291 -6.13 -25.36 -67.35
CA GLN B 291 -6.21 -23.93 -67.66
C GLN B 291 -5.11 -23.44 -68.57
N GLY B 292 -4.12 -24.26 -68.90
CA GLY B 292 -3.18 -23.88 -69.92
C GLY B 292 -1.76 -23.97 -69.44
N MET B 293 -1.58 -24.60 -68.27
CA MET B 293 -0.29 -24.56 -67.60
C MET B 293 0.80 -25.07 -68.53
N GLU B 294 0.58 -26.23 -69.15
CA GLU B 294 1.62 -26.89 -69.95
C GLU B 294 1.95 -26.09 -71.21
N ALA B 295 0.92 -25.51 -71.85
CA ALA B 295 1.19 -24.64 -72.99
C ALA B 295 2.07 -23.48 -72.56
N LEU B 296 1.76 -22.88 -71.40
CA LEU B 296 2.58 -21.81 -70.86
C LEU B 296 4.00 -22.28 -70.56
N VAL B 297 4.12 -23.43 -69.89
CA VAL B 297 5.44 -23.91 -69.49
C VAL B 297 6.32 -24.08 -70.72
N GLN B 298 5.86 -24.89 -71.71
CA GLN B 298 6.67 -25.04 -72.92
C GLN B 298 6.94 -23.70 -73.60
N ARG B 299 5.92 -22.84 -73.73
CA ARG B 299 6.10 -21.59 -74.45
C ARG B 299 7.17 -20.72 -73.80
N HIS B 300 7.26 -20.73 -72.46
CA HIS B 300 8.28 -19.96 -71.79
C HIS B 300 9.65 -20.65 -71.87
N LEU B 301 9.66 -21.98 -71.77
CA LEU B 301 10.89 -22.76 -71.85
C LEU B 301 11.61 -22.63 -73.17
N GLY B 302 10.89 -22.26 -74.23
CA GLY B 302 11.51 -22.08 -75.53
C GLY B 302 12.30 -20.80 -75.64
N THR B 303 11.58 -19.68 -75.70
CA THR B 303 12.19 -18.36 -75.87
C THR B 303 13.34 -18.14 -74.89
N ALA B 304 14.53 -17.86 -75.44
CA ALA B 304 15.75 -17.65 -74.67
C ALA B 304 15.75 -16.35 -73.87
N GLY B 305 14.76 -15.48 -74.08
CA GLY B 305 14.59 -14.34 -73.18
C GLY B 305 14.26 -14.77 -71.76
N THR B 306 13.86 -16.03 -71.58
CA THR B 306 13.62 -16.56 -70.24
C THR B 306 14.87 -16.47 -69.39
N ASP B 307 14.70 -15.97 -68.17
CA ASP B 307 15.78 -15.73 -67.24
C ASP B 307 16.10 -17.03 -66.49
N VAL B 308 17.34 -17.18 -66.02
CA VAL B 308 17.82 -18.48 -65.51
C VAL B 308 16.99 -18.95 -64.32
N ASP B 309 16.64 -18.03 -63.45
CA ASP B 309 15.90 -18.33 -62.23
C ASP B 309 14.60 -19.02 -62.58
N LEU B 310 13.85 -18.34 -63.45
CA LEU B 310 12.60 -18.82 -63.98
C LEU B 310 12.78 -20.17 -64.68
N ARG B 311 13.73 -20.25 -65.62
CA ARG B 311 13.89 -21.49 -66.39
C ARG B 311 14.17 -22.66 -65.46
N THR B 312 14.99 -22.41 -64.43
CA THR B 312 15.31 -23.43 -63.46
C THR B 312 14.02 -23.96 -62.84
N GLN B 313 13.17 -23.04 -62.39
CA GLN B 313 11.92 -23.45 -61.75
C GLN B 313 10.91 -24.10 -62.72
N LEU B 314 10.93 -23.75 -64.01
CA LEU B 314 9.94 -24.39 -64.87
C LEU B 314 10.34 -25.82 -65.13
N VAL B 315 11.64 -26.07 -65.26
CA VAL B 315 12.06 -27.46 -65.37
C VAL B 315 11.85 -28.21 -64.06
N LEU B 316 11.88 -27.52 -62.90
CA LEU B 316 11.47 -28.20 -61.67
C LEU B 316 10.03 -28.72 -61.77
N TYR B 317 9.12 -27.86 -62.25
CA TYR B 317 7.75 -28.29 -62.51
C TYR B 317 7.72 -29.52 -63.42
N GLU B 318 8.41 -29.44 -64.56
CA GLU B 318 8.34 -30.52 -65.53
C GLU B 318 8.95 -31.81 -64.99
N ASN B 319 10.04 -31.70 -64.21
CA ASN B 319 10.63 -32.89 -63.58
C ASN B 319 9.65 -33.52 -62.61
N ALA B 320 8.82 -32.70 -61.95
CA ALA B 320 7.77 -33.26 -61.11
C ALA B 320 6.82 -34.09 -61.97
N LEU B 321 6.45 -33.56 -63.12
CA LEU B 321 5.57 -34.30 -64.02
C LEU B 321 6.31 -35.47 -64.72
N ASP C 5 3.77 63.38 14.99
CA ASP C 5 2.56 62.88 15.65
C ASP C 5 2.21 61.43 15.25
N GLU C 6 2.63 60.92 14.08
CA GLU C 6 2.38 59.49 13.86
C GLU C 6 3.12 58.69 14.93
N ASN C 7 4.39 59.04 15.16
CA ASN C 7 5.25 58.37 16.14
C ASN C 7 4.69 58.45 17.56
N LYS C 8 3.81 59.41 17.84
CA LYS C 8 3.37 59.61 19.23
C LYS C 8 2.53 58.44 19.73
N LEU C 9 1.56 57.99 18.95
CA LEU C 9 0.82 56.81 19.42
C LEU C 9 1.72 55.57 19.37
N LEU C 10 2.58 55.46 18.35
CA LEU C 10 3.41 54.26 18.23
C LEU C 10 4.33 54.09 19.43
N GLU C 11 4.95 55.17 19.93
CA GLU C 11 5.79 55.01 21.12
C GLU C 11 4.94 54.88 22.39
N ALA C 12 3.78 55.53 22.48
CA ALA C 12 2.91 55.21 23.61
C ALA C 12 2.57 53.72 23.63
N CYS C 13 2.35 53.15 22.45
CA CYS C 13 2.04 51.74 22.31
C CYS C 13 3.24 50.86 22.65
N ILE C 14 4.45 51.24 22.21
CA ILE C 14 5.65 50.48 22.56
C ILE C 14 5.84 50.44 24.06
N PHE C 15 5.73 51.61 24.68
CA PHE C 15 5.90 51.71 26.12
C PHE C 15 4.87 50.83 26.83
N LYS C 16 3.61 50.92 26.38
CA LYS C 16 2.52 50.13 26.93
C LYS C 16 2.76 48.63 26.76
N ASN C 17 3.27 48.21 25.59
CA ASN C 17 3.51 46.80 25.33
C ASN C 17 4.62 46.26 26.22
N ASN C 18 5.74 46.99 26.30
CA ASN C 18 6.84 46.51 27.14
C ASN C 18 6.45 46.46 28.59
N GLU C 19 5.77 47.48 29.02
CA GLU C 19 5.21 47.52 30.38
C GLU C 19 4.34 46.27 30.68
N LEU C 20 3.31 46.03 29.88
CA LEU C 20 2.45 44.90 30.17
C LEU C 20 3.24 43.59 30.13
N LEU C 21 4.13 43.44 29.13
CA LEU C 21 4.92 42.22 29.01
C LEU C 21 5.68 41.94 30.30
N LYS C 22 6.26 42.99 30.91
CA LYS C 22 7.02 42.74 32.13
C LYS C 22 6.11 42.33 33.27
N ASN C 23 4.90 42.92 33.35
CA ASN C 23 4.00 42.47 34.41
C ASN C 23 3.61 41.00 34.26
N ILE C 24 3.31 40.57 33.02
CA ILE C 24 2.89 39.20 32.77
C ILE C 24 4.03 38.21 33.02
N GLN C 25 5.22 38.54 32.54
CA GLN C 25 6.36 37.66 32.79
C GLN C 25 6.62 37.51 34.29
N ASP C 26 6.40 38.60 35.06
CA ASP C 26 6.56 38.48 36.50
C ASP C 26 5.56 37.49 37.08
N VAL C 27 4.28 37.65 36.75
CA VAL C 27 3.29 36.72 37.31
C VAL C 27 3.59 35.28 36.91
N GLN C 28 4.14 35.06 35.71
CA GLN C 28 4.35 33.66 35.32
C GLN C 28 5.56 33.04 36.01
N SER C 29 6.61 33.84 36.29
CA SER C 29 7.65 33.31 37.17
C SER C 29 7.08 32.98 38.54
N GLN C 30 6.22 33.85 39.07
CA GLN C 30 5.64 33.59 40.38
C GLN C 30 4.85 32.29 40.37
N ILE C 31 4.18 31.99 39.27
CA ILE C 31 3.53 30.68 39.14
C ILE C 31 4.56 29.58 39.28
N SER C 32 5.61 29.65 38.45
CA SER C 32 6.60 28.58 38.43
C SER C 32 7.27 28.37 39.80
N LYS C 33 7.31 29.41 40.62
CA LYS C 33 7.96 29.31 41.92
C LYS C 33 7.04 28.83 43.06
N ILE C 34 5.83 28.34 42.79
CA ILE C 34 5.01 27.95 43.95
C ILE C 34 5.21 26.50 44.41
N GLY C 35 5.02 25.52 43.53
CA GLY C 35 5.25 24.13 43.92
C GLY C 35 4.38 23.64 45.07
N LEU C 36 4.91 22.68 45.85
CA LEU C 36 4.04 22.02 46.83
C LEU C 36 4.81 21.41 47.97
N LYS C 37 4.35 21.81 49.14
CA LYS C 37 4.62 21.50 50.59
C LYS C 37 4.37 20.13 51.07
N ASP C 38 4.63 19.12 50.20
CA ASP C 38 4.30 17.69 50.42
C ASP C 38 2.88 17.49 49.86
N PRO C 39 2.44 16.24 49.59
CA PRO C 39 1.10 16.02 48.99
C PRO C 39 -0.07 15.91 49.96
N THR C 40 -0.34 16.97 50.72
CA THR C 40 -1.40 16.88 51.73
C THR C 40 -2.59 17.73 51.28
N VAL C 41 -3.74 17.51 51.92
CA VAL C 41 -4.87 18.41 51.69
C VAL C 41 -4.57 19.85 52.06
N PRO C 42 -4.00 20.15 53.23
CA PRO C 42 -3.60 21.56 53.47
C PRO C 42 -2.60 22.10 52.47
N ALA C 43 -1.66 21.27 52.01
CA ALA C 43 -0.68 21.75 51.03
C ALA C 43 -1.34 22.07 49.70
N VAL C 44 -2.27 21.21 49.26
CA VAL C 44 -2.98 21.47 48.03
C VAL C 44 -3.84 22.72 48.16
N LYS C 45 -4.48 22.91 49.31
CA LYS C 45 -5.32 24.10 49.44
C LYS C 45 -4.51 25.37 49.63
N HIS C 46 -3.30 25.28 50.18
CA HIS C 46 -2.41 26.43 50.19
C HIS C 46 -1.92 26.75 48.79
N ARG C 47 -1.59 25.72 48.00
CA ARG C 47 -1.24 25.95 46.61
C ARG C 47 -2.39 26.59 45.84
N LYS C 48 -3.62 26.13 46.08
CA LYS C 48 -4.76 26.66 45.33
C LYS C 48 -5.03 28.12 45.72
N LYS C 49 -4.90 28.44 47.01
CA LYS C 49 -4.94 29.83 47.47
C LYS C 49 -3.88 30.71 46.77
N SER C 50 -2.71 30.12 46.51
CA SER C 50 -1.61 30.85 45.87
C SER C 50 -1.96 31.16 44.42
N LEU C 51 -2.55 30.17 43.75
CA LEU C 51 -3.01 30.34 42.38
C LEU C 51 -4.12 31.38 42.28
N ILE C 52 -4.93 31.51 43.32
CA ILE C 52 -6.05 32.43 43.15
C ILE C 52 -5.59 33.87 43.26
N ARG C 53 -4.66 34.20 44.17
CA ARG C 53 -4.17 35.56 43.93
C ARG C 53 -3.45 35.74 42.63
N LEU C 54 -2.73 34.74 42.16
CA LEU C 54 -2.03 35.03 40.81
C LEU C 54 -3.03 35.26 39.68
N ASP C 55 -4.14 34.52 39.72
CA ASP C 55 -5.27 34.82 38.83
C ASP C 55 -5.86 36.21 39.04
N LYS C 56 -6.03 36.64 40.28
CA LYS C 56 -6.53 38.03 40.56
C LYS C 56 -5.67 39.08 39.90
N VAL C 57 -4.34 38.82 39.87
CA VAL C 57 -3.49 39.89 39.34
C VAL C 57 -3.57 39.92 37.82
N LEU C 58 -3.58 38.73 37.19
CA LEU C 58 -3.83 38.70 35.76
C LEU C 58 -5.10 39.46 35.41
N ASP C 59 -6.15 39.27 36.23
CA ASP C 59 -7.40 40.00 36.02
C ASP C 59 -7.22 41.50 36.12
N GLU C 60 -6.43 41.96 37.09
CA GLU C 60 -6.12 43.38 37.15
C GLU C 60 -5.49 43.89 35.86
N TYR C 61 -4.87 43.01 35.09
CA TYR C 61 -4.28 43.35 33.78
C TYR C 61 -5.18 43.07 32.57
N GLU C 62 -6.38 42.51 32.77
CA GLU C 62 -7.33 42.21 31.67
C GLU C 62 -7.35 43.31 30.62
N GLU C 63 -7.76 44.47 31.15
CA GLU C 63 -8.10 45.67 30.42
C GLU C 63 -6.91 46.28 29.80
N GLU C 64 -5.73 46.16 30.41
CA GLU C 64 -4.61 46.70 29.63
C GLU C 64 -4.31 45.79 28.46
N LYS C 65 -4.46 44.48 28.63
CA LYS C 65 -4.30 43.57 27.49
C LYS C 65 -5.22 43.97 26.36
N ARG C 66 -6.47 44.21 26.70
CA ARG C 66 -7.51 44.52 25.74
C ARG C 66 -7.26 45.87 25.04
N HIS C 67 -6.94 46.89 25.84
CA HIS C 67 -6.60 48.20 25.30
C HIS C 67 -5.38 48.14 24.40
N LEU C 68 -4.37 47.36 24.80
CA LEU C 68 -3.21 47.16 23.93
C LEU C 68 -3.62 46.57 22.60
N GLN C 69 -4.47 45.54 22.62
CA GLN C 69 -4.93 44.93 21.39
C GLN C 69 -5.60 45.94 20.48
N GLU C 70 -6.44 46.82 21.05
CA GLU C 70 -7.04 47.91 20.28
C GLU C 70 -5.98 48.80 19.63
N MET C 71 -5.06 49.35 20.43
CA MET C 71 -3.99 50.17 19.86
C MET C 71 -3.28 49.42 18.72
N ALA C 72 -3.06 48.12 18.90
CA ALA C 72 -2.34 47.33 17.91
C ALA C 72 -3.12 47.19 16.60
N ASN C 73 -4.42 46.93 16.66
CA ASN C 73 -5.19 46.89 15.40
C ASN C 73 -5.56 48.25 14.84
N SER C 74 -5.38 49.35 15.57
CA SER C 74 -5.74 50.64 14.96
C SER C 74 -4.57 51.61 14.87
N LEU C 75 -3.34 51.14 14.88
CA LEU C 75 -2.29 52.14 14.74
C LEU C 75 -2.04 52.43 13.27
N PRO C 76 -1.45 53.59 12.94
CA PRO C 76 -1.31 54.01 11.53
C PRO C 76 -0.49 53.06 10.67
N HIS C 77 -0.60 53.27 9.36
CA HIS C 77 0.13 52.51 8.35
C HIS C 77 1.31 53.36 7.89
N PHE C 78 2.53 52.92 8.20
CA PHE C 78 3.74 53.70 7.95
C PHE C 78 4.42 53.41 6.61
N GLY C 81 6.28 50.67 7.14
CA GLY C 81 7.15 50.89 8.28
C GLY C 81 6.96 49.93 9.45
N ARG C 82 7.23 50.42 10.66
CA ARG C 82 7.26 49.60 11.87
C ARG C 82 5.89 49.17 12.38
N GLU C 83 4.80 49.78 11.89
CA GLU C 83 3.48 49.43 12.40
C GLU C 83 3.26 47.92 12.42
N LYS C 84 3.80 47.19 11.43
CA LYS C 84 3.59 45.76 11.37
C LYS C 84 4.45 45.01 12.39
N THR C 85 5.71 45.44 12.57
CA THR C 85 6.58 44.81 13.57
C THR C 85 6.03 44.96 14.97
N VAL C 86 5.64 46.18 15.34
CA VAL C 86 5.17 46.40 16.71
C VAL C 86 3.77 45.84 16.91
N ASN C 87 2.91 45.86 15.88
CA ASN C 87 1.69 45.07 15.95
C ASN C 87 1.96 43.59 16.17
N GLN C 88 2.96 43.00 15.52
CA GLN C 88 3.20 41.58 15.80
C GLN C 88 3.63 41.39 17.24
N GLN C 89 4.51 42.28 17.74
CA GLN C 89 4.95 42.20 19.13
C GLN C 89 3.79 42.38 20.12
N CYS C 90 2.88 43.30 19.82
CA CYS C 90 1.75 43.55 20.71
C CYS C 90 0.82 42.35 20.76
N GLN C 91 0.47 41.78 19.59
CA GLN C 91 -0.32 40.56 19.61
C GLN C 91 0.41 39.44 20.34
N ASN C 92 1.74 39.41 20.26
CA ASN C 92 2.52 38.47 21.05
C ASN C 92 2.18 38.59 22.52
N THR C 93 2.29 39.80 23.06
CA THR C 93 2.00 40.00 24.47
C THR C 93 0.55 39.66 24.82
N VAL C 94 -0.40 39.97 23.92
CA VAL C 94 -1.81 39.66 24.19
C VAL C 94 -2.02 38.15 24.31
N VAL C 95 -1.46 37.38 23.39
CA VAL C 95 -1.61 35.94 23.47
C VAL C 95 -0.87 35.40 24.69
N LEU C 96 0.26 36.01 25.07
CA LEU C 96 0.96 35.60 26.30
C LEU C 96 0.05 35.71 27.51
N TRP C 97 -0.67 36.83 27.62
CA TRP C 97 -1.62 37.02 28.71
C TRP C 97 -2.70 35.95 28.69
N GLU C 98 -3.29 35.70 27.52
CA GLU C 98 -4.35 34.69 27.44
C GLU C 98 -3.84 33.30 27.77
N ASN C 99 -2.60 32.98 27.37
CA ASN C 99 -2.02 31.68 27.66
C ASN C 99 -1.76 31.50 29.14
N THR C 100 -1.25 32.57 29.79
CA THR C 100 -1.00 32.50 31.23
C THR C 100 -2.30 32.31 32.00
N LYS C 101 -3.34 33.05 31.60
CA LYS C 101 -4.64 32.92 32.23
C LYS C 101 -5.18 31.49 32.06
N ALA C 102 -4.98 30.91 30.89
CA ALA C 102 -5.37 29.51 30.69
C ALA C 102 -4.59 28.56 31.61
N LEU C 103 -3.29 28.85 31.80
CA LEU C 103 -2.45 28.01 32.66
C LEU C 103 -2.98 27.97 34.10
N VAL C 104 -3.21 29.16 34.70
CA VAL C 104 -3.71 29.10 36.08
C VAL C 104 -5.05 28.40 36.12
N THR C 105 -5.88 28.61 35.11
CA THR C 105 -7.17 27.96 35.19
C THR C 105 -7.02 26.45 35.21
N GLU C 106 -6.07 25.90 34.44
CA GLU C 106 -5.97 24.44 34.57
C GLU C 106 -5.27 24.03 35.85
N CYS C 107 -4.35 24.83 36.39
CA CYS C 107 -3.76 24.49 37.70
C CYS C 107 -4.83 24.40 38.77
N LEU C 108 -5.80 25.32 38.73
CA LEU C 108 -6.93 25.30 39.67
C LEU C 108 -7.83 24.11 39.42
N GLU C 109 -7.96 23.69 38.16
CA GLU C 109 -8.66 22.45 37.86
C GLU C 109 -7.96 21.26 38.49
N GLN C 110 -6.64 21.23 38.34
CA GLN C 110 -5.85 20.12 38.87
C GLN C 110 -5.89 20.08 40.38
N CYS C 111 -5.91 21.24 41.04
CA CYS C 111 -6.19 21.29 42.48
C CYS C 111 -7.57 20.73 42.79
N GLY C 112 -8.59 21.13 42.04
CA GLY C 112 -9.92 20.62 42.31
C GLY C 112 -10.00 19.12 42.25
N ARG C 113 -9.40 18.51 41.23
CA ARG C 113 -9.51 17.06 41.16
C ARG C 113 -8.54 16.36 42.10
N VAL C 114 -7.40 16.95 42.43
CA VAL C 114 -6.59 16.36 43.48
C VAL C 114 -7.36 16.30 44.79
N LEU C 115 -8.11 17.35 45.11
CA LEU C 115 -8.91 17.32 46.34
C LEU C 115 -10.07 16.31 46.24
N GLU C 116 -10.75 16.25 45.09
CA GLU C 116 -11.78 15.21 44.92
C GLU C 116 -11.16 13.82 45.02
N LEU C 117 -9.98 13.65 44.43
CA LEU C 117 -9.30 12.37 44.46
C LEU C 117 -8.86 12.00 45.86
N LEU C 118 -8.54 12.99 46.69
CA LEU C 118 -8.21 12.72 48.07
C LEU C 118 -9.44 12.30 48.90
N LYS C 119 -10.61 12.91 48.66
CA LYS C 119 -11.83 12.29 49.21
C LYS C 119 -11.92 10.82 48.82
N GLN C 120 -11.82 10.55 47.52
CA GLN C 120 -12.04 9.21 47.04
C GLN C 120 -11.01 8.29 47.75
N TYR C 121 -9.80 8.81 48.04
CA TYR C 121 -8.77 8.09 48.81
C TYR C 121 -9.14 7.79 50.29
N GLN C 122 -9.07 8.77 51.23
CA GLN C 122 -9.87 8.49 52.45
C GLN C 122 -10.87 7.38 52.39
N ASN C 123 -11.89 7.61 51.62
CA ASN C 123 -13.03 6.78 51.75
C ASN C 123 -12.76 5.34 51.33
N PHE C 124 -12.14 5.13 50.18
CA PHE C 124 -11.83 3.80 49.75
C PHE C 124 -10.90 3.13 50.75
N LYS C 125 -9.90 3.87 51.26
CA LYS C 125 -9.00 3.27 52.25
C LYS C 125 -9.75 2.87 53.52
N SER C 126 -10.65 3.73 53.99
CA SER C 126 -11.44 3.38 55.16
C SER C 126 -12.24 2.10 54.92
N ILE C 127 -13.01 2.05 53.82
CA ILE C 127 -13.81 0.84 53.55
C ILE C 127 -12.93 -0.40 53.55
N LEU C 128 -11.85 -0.36 52.77
CA LEU C 128 -11.02 -1.55 52.62
C LEU C 128 -10.35 -1.96 53.93
N THR C 129 -9.67 -1.02 54.59
CA THR C 129 -8.93 -1.40 55.79
C THR C 129 -9.86 -1.79 56.93
N THR C 130 -11.08 -1.25 57.00
CA THR C 130 -11.93 -1.77 58.06
C THR C 130 -12.36 -3.19 57.76
N LEU C 131 -12.58 -3.54 56.48
CA LEU C 131 -12.93 -4.92 56.25
C LEU C 131 -11.75 -5.84 56.59
N ILE C 132 -10.55 -5.46 56.17
CA ILE C 132 -9.45 -6.40 56.32
C ILE C 132 -9.05 -6.54 57.78
N GLN C 133 -9.03 -5.44 58.52
CA GLN C 133 -8.92 -5.54 59.97
C GLN C 133 -10.05 -6.34 60.60
N LYS C 134 -11.28 -6.28 60.07
CA LYS C 134 -12.33 -7.13 60.61
C LYS C 134 -11.93 -8.59 60.54
N GLU C 135 -11.42 -9.04 59.38
CA GLU C 135 -11.01 -10.46 59.33
C GLU C 135 -9.69 -10.72 60.09
N GLU C 136 -8.59 -10.06 59.72
CA GLU C 136 -7.43 -9.88 60.63
C GLU C 136 -7.66 -9.99 62.15
N SER C 137 -8.71 -9.42 62.69
CA SER C 137 -8.84 -9.46 64.14
CA SER C 137 -8.76 -9.51 64.14
C SER C 137 -9.58 -10.68 64.64
N VAL C 138 -9.97 -11.62 63.76
CA VAL C 138 -10.72 -12.76 64.18
C VAL C 138 -9.76 -13.95 64.21
N ILE C 139 -10.09 -14.96 65.05
CA ILE C 139 -9.41 -16.22 65.22
C ILE C 139 -9.08 -16.85 63.89
N SER C 140 -8.10 -17.74 63.92
CA SER C 140 -8.13 -18.87 63.02
C SER C 140 -7.47 -20.01 63.78
N LEU C 141 -8.27 -20.93 64.32
CA LEU C 141 -7.67 -22.13 64.89
C LEU C 141 -7.12 -23.03 63.79
N GLN C 142 -6.15 -23.85 64.16
CA GLN C 142 -5.65 -24.88 63.26
C GLN C 142 -6.75 -25.84 62.88
N ALA C 143 -6.95 -26.01 61.56
CA ALA C 143 -7.95 -26.97 61.09
C ALA C 143 -7.73 -28.36 61.68
N SER C 144 -6.47 -28.70 61.96
CA SER C 144 -6.12 -30.01 62.49
C SER C 144 -6.51 -30.17 63.96
N TYR C 145 -6.76 -29.07 64.66
CA TYR C 145 -7.04 -29.07 66.09
C TYR C 145 -8.48 -28.62 66.36
N MET C 146 -9.41 -29.04 65.51
CA MET C 146 -10.82 -28.65 65.59
C MET C 146 -11.72 -29.87 65.36
N GLY C 147 -12.83 -29.89 66.08
CA GLY C 147 -13.86 -30.89 65.86
C GLY C 147 -14.65 -30.63 64.59
N LYS C 148 -15.49 -31.61 64.28
CA LYS C 148 -16.29 -31.58 63.06
C LYS C 148 -17.30 -30.44 63.05
N GLU C 149 -18.07 -30.29 64.13
CA GLU C 149 -19.06 -29.21 64.17
C GLU C 149 -18.38 -27.85 64.05
N ASN C 150 -17.23 -27.69 64.68
CA ASN C 150 -16.52 -26.41 64.66
C ASN C 150 -15.93 -26.12 63.28
N LEU C 151 -15.42 -27.16 62.60
CA LEU C 151 -14.99 -26.98 61.22
C LEU C 151 -16.15 -26.52 60.36
N LYS C 152 -17.33 -27.11 60.53
CA LYS C 152 -18.48 -26.68 59.74
C LYS C 152 -18.83 -25.22 60.00
N LYS C 153 -18.93 -24.83 61.27
CA LYS C 153 -19.22 -23.44 61.57
C LYS C 153 -18.18 -22.52 60.93
N ARG C 154 -16.90 -22.88 61.02
CA ARG C 154 -15.88 -22.00 60.47
C ARG C 154 -15.98 -21.95 58.95
N ILE C 155 -16.28 -23.07 58.29
CA ILE C 155 -16.41 -23.06 56.83
C ILE C 155 -17.54 -22.13 56.40
N ALA C 156 -18.67 -22.19 57.10
CA ALA C 156 -19.78 -21.27 56.82
C ALA C 156 -19.34 -19.81 56.98
N GLU C 157 -18.66 -19.50 58.08
CA GLU C 157 -18.18 -18.13 58.28
C GLU C 157 -17.27 -17.68 57.12
N ILE C 158 -16.36 -18.56 56.68
CA ILE C 158 -15.36 -18.22 55.66
C ILE C 158 -16.01 -18.05 54.27
N GLU C 159 -16.98 -18.87 53.92
CA GLU C 159 -17.82 -18.59 52.75
C GLU C 159 -18.53 -17.22 52.82
N ILE C 160 -19.03 -16.83 53.99
CA ILE C 160 -19.55 -15.46 54.08
C ILE C 160 -18.44 -14.44 53.77
N VAL C 161 -17.27 -14.61 54.40
CA VAL C 161 -16.16 -13.65 54.28
C VAL C 161 -15.63 -13.57 52.85
N LYS C 162 -15.44 -14.73 52.22
CA LYS C 162 -14.97 -14.79 50.84
C LYS C 162 -15.96 -14.11 49.91
N GLU C 163 -17.26 -14.32 50.14
CA GLU C 163 -18.26 -13.75 49.25
C GLU C 163 -18.27 -12.23 49.38
N GLU C 164 -17.94 -11.72 50.57
CA GLU C 164 -17.77 -10.27 50.78
C GLU C 164 -16.54 -9.69 50.08
N PHE C 165 -15.44 -10.45 50.02
CA PHE C 165 -14.23 -9.92 49.38
C PHE C 165 -14.44 -9.59 47.92
N ASN C 166 -15.18 -10.45 47.23
CA ASN C 166 -15.56 -10.20 45.82
C ASN C 166 -16.21 -8.85 45.62
N GLU C 167 -17.08 -8.49 46.54
CA GLU C 167 -17.85 -7.27 46.40
C GLU C 167 -16.93 -6.08 46.60
N HIS C 168 -16.08 -6.13 47.61
CA HIS C 168 -15.14 -5.00 47.72
C HIS C 168 -14.00 -5.05 46.69
N LEU C 169 -13.98 -6.05 45.80
CA LEU C 169 -12.92 -6.09 44.79
C LEU C 169 -13.03 -4.94 43.78
N GLU C 170 -14.24 -4.55 43.40
CA GLU C 170 -14.37 -3.33 42.61
C GLU C 170 -13.73 -2.16 43.33
N VAL C 171 -13.88 -2.11 44.65
CA VAL C 171 -13.33 -0.99 45.42
C VAL C 171 -11.81 -1.00 45.35
N VAL C 172 -11.21 -2.19 45.33
CA VAL C 172 -9.76 -2.20 45.23
C VAL C 172 -9.31 -1.70 43.84
N ASP C 173 -10.05 -2.08 42.78
CA ASP C 173 -9.71 -1.53 41.46
C ASP C 173 -9.89 -0.01 41.41
N LYS C 174 -10.99 0.48 41.99
CA LYS C 174 -11.23 1.91 42.04
C LYS C 174 -10.12 2.66 42.75
N ILE C 175 -9.64 2.13 43.88
CA ILE C 175 -8.62 2.88 44.62
C ILE C 175 -7.26 2.78 43.94
N ASN C 176 -6.95 1.65 43.28
CA ASN C 176 -5.72 1.61 42.51
C ASN C 176 -5.72 2.70 41.45
N GLN C 177 -6.86 2.85 40.76
CA GLN C 177 -6.97 3.91 39.75
C GLN C 177 -6.87 5.30 40.36
N VAL C 178 -7.49 5.49 41.53
CA VAL C 178 -7.40 6.79 42.19
C VAL C 178 -5.95 7.15 42.48
N CYS C 179 -5.15 6.18 42.91
CA CYS C 179 -3.75 6.46 43.19
C CYS C 179 -2.98 6.78 41.91
N LYS C 180 -3.26 6.06 40.82
CA LYS C 180 -2.56 6.37 39.57
C LYS C 180 -2.82 7.81 39.12
N ASN C 181 -4.11 8.20 39.09
CA ASN C 181 -4.45 9.58 38.69
C ASN C 181 -3.84 10.61 39.62
N LEU C 182 -3.88 10.32 40.91
CA LEU C 182 -3.41 11.27 41.91
C LEU C 182 -1.91 11.48 41.81
N GLN C 183 -1.16 10.39 41.59
CA GLN C 183 0.27 10.50 41.30
C GLN C 183 0.53 11.41 40.11
N PHE C 184 -0.25 11.23 39.03
CA PHE C 184 -0.05 12.03 37.83
C PHE C 184 -0.22 13.53 38.12
N TYR C 185 -1.38 13.89 38.67
CA TYR C 185 -1.66 15.30 38.95
C TYR C 185 -0.73 15.87 40.01
N LEU C 186 -0.13 15.02 40.85
CA LEU C 186 0.79 15.55 41.83
C LEU C 186 2.16 15.80 41.22
N ASN C 187 2.60 14.92 40.32
CA ASN C 187 3.84 15.19 39.60
C ASN C 187 3.75 16.43 38.73
N LYS C 188 2.56 16.78 38.24
CA LYS C 188 2.50 17.99 37.42
C LYS C 188 2.72 19.27 38.25
N MET C 189 2.55 19.20 39.57
CA MET C 189 2.62 20.34 40.48
C MET C 189 4.01 20.59 41.03
N LYS C 190 4.78 19.54 41.24
CA LYS C 190 6.09 19.64 41.85
C LYS C 190 6.83 18.38 41.47
N THR C 191 8.15 18.44 41.53
CA THR C 191 8.91 17.25 41.22
C THR C 191 9.11 16.48 42.53
N PHE C 192 8.54 15.29 42.58
CA PHE C 192 8.58 14.44 43.76
C PHE C 192 9.34 13.22 43.32
N GLU C 193 10.44 12.94 43.94
CA GLU C 193 11.14 11.78 43.42
C GLU C 193 11.61 10.94 44.59
N GLU C 194 11.15 9.63 44.47
CA GLU C 194 10.01 8.81 45.04
C GLU C 194 8.58 9.27 44.67
N PRO C 195 7.89 8.55 43.76
CA PRO C 195 6.49 8.92 43.30
C PRO C 195 5.48 9.02 44.43
N PRO C 196 4.59 10.05 44.39
CA PRO C 196 3.83 10.42 45.60
C PRO C 196 2.99 9.33 46.23
N PHE C 197 2.12 8.68 45.48
CA PHE C 197 1.23 7.67 46.07
C PHE C 197 1.55 6.23 45.66
N GLU C 198 2.80 5.83 45.48
CA GLU C 198 2.98 4.49 44.98
C GLU C 198 3.03 3.49 46.20
N LYS C 199 3.77 3.88 47.25
CA LYS C 199 3.76 3.14 48.46
C LYS C 199 2.34 2.83 48.94
N GLU C 200 1.51 3.85 49.04
CA GLU C 200 0.14 3.73 49.55
C GLU C 200 -0.68 2.69 48.74
N ALA C 201 -0.66 2.83 47.43
CA ALA C 201 -1.33 1.86 46.57
C ALA C 201 -0.76 0.46 46.78
N ASN C 202 0.57 0.36 46.86
CA ASN C 202 1.17 -0.95 46.97
C ASN C 202 0.84 -1.62 48.30
N ILE C 203 0.89 -0.89 49.43
CA ILE C 203 0.60 -1.54 50.72
C ILE C 203 -0.86 -1.94 50.80
N ILE C 204 -1.78 -1.11 50.28
CA ILE C 204 -3.18 -1.51 50.39
C ILE C 204 -3.47 -2.73 49.51
N VAL C 205 -2.91 -2.77 48.30
CA VAL C 205 -3.12 -3.94 47.44
C VAL C 205 -2.46 -5.18 48.05
N ASP C 206 -1.26 -5.01 48.61
CA ASP C 206 -0.55 -6.13 49.25
C ASP C 206 -1.31 -6.67 50.45
N ARG C 207 -1.84 -5.78 51.30
CA ARG C 207 -2.67 -6.24 52.41
C ARG C 207 -3.87 -7.01 51.92
N TRP C 208 -4.49 -6.49 50.86
CA TRP C 208 -5.67 -7.15 50.32
C TRP C 208 -5.32 -8.54 49.80
N LEU C 209 -4.26 -8.64 49.00
CA LEU C 209 -3.86 -9.94 48.48
C LEU C 209 -3.48 -10.89 49.61
N ASP C 210 -2.80 -10.37 50.63
CA ASP C 210 -2.37 -11.19 51.74
C ASP C 210 -3.57 -11.79 52.47
N ILE C 211 -4.60 -10.98 52.73
CA ILE C 211 -5.73 -11.50 53.48
C ILE C 211 -6.59 -12.44 52.63
N ASN C 212 -6.67 -12.18 51.31
CA ASN C 212 -7.45 -13.08 50.46
C ASN C 212 -6.76 -14.43 50.31
N GLU C 213 -5.44 -14.45 50.11
CA GLU C 213 -4.70 -15.71 50.06
C GLU C 213 -4.76 -16.47 51.38
N LYS C 214 -4.51 -15.78 52.49
CA LYS C 214 -4.60 -16.41 53.80
C LYS C 214 -5.95 -17.05 54.00
N THR C 215 -7.03 -16.32 53.66
CA THR C 215 -8.39 -16.82 53.83
C THR C 215 -8.67 -18.00 52.92
N GLU C 216 -8.19 -17.96 51.68
CA GLU C 216 -8.46 -19.07 50.76
C GLU C 216 -7.73 -20.33 51.20
N ASP C 217 -6.49 -20.17 51.64
CA ASP C 217 -5.71 -21.30 52.17
C ASP C 217 -6.38 -21.89 53.39
N TYR C 218 -6.85 -21.03 54.31
CA TYR C 218 -7.56 -21.52 55.48
C TYR C 218 -8.83 -22.28 55.06
N TYR C 219 -9.53 -21.78 54.05
CA TYR C 219 -10.75 -22.47 53.61
C TYR C 219 -10.45 -23.89 53.14
N GLU C 220 -9.36 -24.04 52.40
CA GLU C 220 -9.04 -25.37 51.93
C GLU C 220 -8.50 -26.26 53.05
N ASN C 221 -7.79 -25.67 54.03
CA ASN C 221 -7.34 -26.43 55.19
C ASN C 221 -8.52 -26.95 56.00
N LEU C 222 -9.50 -26.08 56.26
CA LEU C 222 -10.71 -26.49 56.94
C LEU C 222 -11.39 -27.63 56.19
N GLY C 223 -11.46 -27.53 54.86
CA GLY C 223 -12.11 -28.59 54.09
C GLY C 223 -11.40 -29.93 54.22
N ARG C 224 -10.07 -29.91 54.12
CA ARG C 224 -9.32 -31.15 54.27
C ARG C 224 -9.50 -31.75 55.66
N ALA C 225 -9.47 -30.91 56.70
CA ALA C 225 -9.72 -31.41 58.04
C ALA C 225 -11.09 -32.08 58.15
N LEU C 226 -12.14 -31.43 57.64
CA LEU C 226 -13.47 -32.01 57.73
C LEU C 226 -13.53 -33.38 57.04
N ALA C 227 -12.82 -33.55 55.91
CA ALA C 227 -12.93 -34.83 55.20
C ALA C 227 -12.52 -36.01 56.08
N LEU C 228 -11.46 -35.85 56.87
CA LEU C 228 -10.97 -36.92 57.74
C LEU C 228 -11.84 -37.15 58.96
N TRP C 229 -12.94 -36.42 59.12
CA TRP C 229 -13.78 -36.57 60.32
C TRP C 229 -14.86 -37.62 60.20
N ASP C 230 -14.92 -38.36 59.10
CA ASP C 230 -15.76 -39.56 59.12
C ASP C 230 -15.16 -40.74 58.36
N SER D 1 -5.48 21.48 1.35
CA SER D 1 -6.21 20.29 1.80
C SER D 1 -5.88 19.91 3.26
N VAL D 2 -6.24 20.79 4.17
CA VAL D 2 -5.80 20.72 5.56
C VAL D 2 -6.94 20.22 6.44
N VAL D 3 -6.58 19.80 7.64
CA VAL D 3 -7.56 19.31 8.61
C VAL D 3 -7.26 19.96 9.96
N THR D 4 -8.30 20.47 10.59
CA THR D 4 -8.19 21.13 11.87
C THR D 4 -8.73 20.19 12.93
N VAL D 5 -7.84 19.71 13.80
CA VAL D 5 -8.20 18.78 14.83
C VAL D 5 -7.99 19.41 16.19
N ARG D 6 -8.39 18.64 17.19
CA ARG D 6 -8.24 18.75 18.65
C ARG D 6 -7.23 17.71 19.15
N VAL D 7 -6.18 18.10 19.85
CA VAL D 7 -5.24 17.05 20.29
C VAL D 7 -5.17 16.95 21.81
N GLN D 8 -4.86 15.75 22.28
CA GLN D 8 -4.79 15.50 23.71
C GLN D 8 -3.79 14.39 23.95
N TYR D 9 -3.06 14.42 25.06
CA TYR D 9 -2.19 13.29 25.34
C TYR D 9 -2.76 12.39 26.44
N LEU D 10 -2.16 11.21 26.53
CA LEU D 10 -2.47 10.22 27.54
C LEU D 10 -1.13 9.68 28.02
N GLU D 11 -0.86 9.79 29.33
CA GLU D 11 0.38 9.27 29.89
C GLU D 11 0.22 7.79 30.15
N ASP D 12 0.69 6.95 29.23
CA ASP D 12 0.53 5.51 29.37
C ASP D 12 1.84 4.80 29.10
N THR D 13 2.94 5.50 29.35
CA THR D 13 4.26 4.94 29.10
C THR D 13 4.45 3.68 29.95
N ASP D 14 3.99 3.72 31.20
CA ASP D 14 3.94 2.59 32.12
C ASP D 14 2.52 2.05 32.14
N PRO D 15 2.26 0.86 31.63
CA PRO D 15 0.88 0.33 31.64
C PRO D 15 0.39 -0.06 33.03
N PHE D 16 1.29 -0.21 34.01
CA PHE D 16 0.89 -0.51 35.38
C PHE D 16 0.63 0.75 36.20
N ALA D 17 0.63 1.93 35.57
CA ALA D 17 0.43 3.19 36.27
C ALA D 17 -0.14 4.26 35.34
N CYS D 18 -1.04 3.86 34.45
CA CYS D 18 -1.60 4.80 33.48
C CYS D 18 -2.53 5.78 34.16
N ALA D 19 -2.33 7.06 33.86
CA ALA D 19 -3.38 8.03 34.08
C ALA D 19 -4.63 7.65 33.28
N ASN D 20 -5.76 8.18 33.73
CA ASN D 20 -7.11 7.85 33.26
C ASN D 20 -7.70 8.91 32.33
N PHE D 21 -7.32 10.17 32.51
CA PHE D 21 -7.83 11.38 31.84
C PHE D 21 -6.93 11.82 30.69
N PRO D 22 -7.41 12.16 29.50
CA PRO D 22 -6.53 12.82 28.52
C PRO D 22 -6.38 14.30 28.88
N GLU D 23 -5.00 14.88 28.84
CA GLU D 23 -4.75 16.30 29.12
C GLU D 23 -4.39 17.05 27.85
N PRO D 24 -4.68 18.35 27.80
CA PRO D 24 -5.45 19.06 28.82
C PRO D 24 -6.95 18.76 28.66
N ARG D 25 -7.75 19.07 29.68
CA ARG D 25 -9.19 18.90 29.56
C ARG D 25 -9.76 19.71 28.40
N ARG D 26 -9.28 20.94 28.23
CA ARG D 26 -9.73 21.77 27.12
C ARG D 26 -8.72 21.60 26.00
N ALA D 27 -9.04 20.71 25.05
CA ALA D 27 -8.04 20.28 24.09
C ALA D 27 -7.62 21.47 23.23
N PRO D 28 -6.32 21.74 23.08
CA PRO D 28 -5.87 22.68 22.07
C PRO D 28 -6.16 22.19 20.67
N THR D 29 -6.28 23.14 19.76
CA THR D 29 -6.61 22.87 18.36
C THR D 29 -5.33 23.00 17.56
N CYS D 30 -5.17 22.16 16.54
CA CYS D 30 -4.07 22.38 15.62
C CYS D 30 -4.43 21.78 14.27
N SER D 31 -3.69 22.22 13.26
CA SER D 31 -3.97 21.93 11.87
C SER D 31 -2.94 20.94 11.35
N LEU D 32 -3.44 19.95 10.61
CA LEU D 32 -2.58 18.93 10.02
C LEU D 32 -2.57 19.06 8.51
N ASP D 33 -2.29 17.95 7.84
CA ASP D 33 -2.27 17.92 6.38
C ASP D 33 -2.77 16.54 5.98
N GLY D 34 -3.88 16.50 5.25
CA GLY D 34 -4.52 15.22 5.00
C GLY D 34 -3.82 14.36 3.97
N ALA D 35 -2.90 14.95 3.20
CA ALA D 35 -2.29 14.27 2.05
C ALA D 35 -0.80 14.03 2.20
N LEU D 36 -0.21 14.47 3.32
CA LEU D 36 1.18 14.22 3.69
C LEU D 36 1.22 13.26 4.88
N PRO D 37 2.28 12.48 5.04
CA PRO D 37 2.27 11.45 6.09
C PRO D 37 2.34 12.07 7.48
N LEU D 38 1.73 11.37 8.43
CA LEU D 38 1.53 11.90 9.78
C LEU D 38 2.79 11.84 10.63
N GLY D 39 3.66 10.84 10.39
CA GLY D 39 4.87 10.70 11.18
C GLY D 39 5.65 12.00 11.34
N ALA D 40 5.90 12.70 10.24
CA ALA D 40 6.65 13.95 10.35
C ALA D 40 5.88 15.03 11.09
N GLN D 41 4.56 14.91 11.16
CA GLN D 41 3.73 15.92 11.80
C GLN D 41 3.54 15.69 13.29
N ILE D 42 3.80 14.47 13.78
CA ILE D 42 3.61 14.15 15.19
C ILE D 42 4.50 14.97 16.12
N PRO D 43 5.73 15.36 15.76
CA PRO D 43 6.51 16.21 16.69
C PRO D 43 5.87 17.57 16.94
N ALA D 44 5.26 18.18 15.93
CA ALA D 44 4.58 19.46 16.13
C ALA D 44 3.50 19.34 17.20
N VAL D 45 2.67 18.30 17.12
CA VAL D 45 1.63 18.11 18.11
C VAL D 45 2.19 17.70 19.47
N HIS D 46 3.29 16.95 19.49
CA HIS D 46 3.93 16.63 20.75
C HIS D 46 4.43 17.89 21.47
N ARG D 47 4.92 18.87 20.70
CA ARG D 47 5.36 20.09 21.37
C ARG D 47 4.20 21.01 21.71
N LEU D 48 3.21 21.09 20.83
CA LEU D 48 2.00 21.83 21.17
C LEU D 48 1.41 21.32 22.49
N LEU D 49 1.55 20.03 22.75
CA LEU D 49 1.01 19.47 23.97
C LEU D 49 1.98 19.48 25.16
N GLY D 50 3.29 19.58 24.91
CA GLY D 50 4.24 19.49 26.00
C GLY D 50 4.14 18.20 26.82
N ALA D 51 4.01 17.07 26.10
CA ALA D 51 3.75 15.75 26.66
C ALA D 51 5.03 15.11 27.18
N PRO D 52 4.93 14.31 28.23
CA PRO D 52 6.07 13.57 28.73
C PRO D 52 6.24 12.24 28.03
N LEU D 53 6.09 12.25 26.71
CA LEU D 53 6.00 11.04 25.92
C LEU D 53 7.21 10.95 25.01
N LYS D 54 7.82 9.77 24.97
CA LYS D 54 8.93 9.57 24.04
C LYS D 54 8.38 9.63 22.62
N LEU D 55 8.65 10.74 21.92
CA LEU D 55 8.11 10.97 20.59
C LEU D 55 8.33 9.81 19.63
N GLU D 56 9.38 9.07 19.82
CA GLU D 56 9.67 8.01 18.90
C GLU D 56 8.97 6.69 19.23
N ASP D 57 8.26 6.63 20.36
CA ASP D 57 7.29 5.58 20.64
C ASP D 57 5.85 6.09 20.56
N CYS D 58 5.63 7.24 19.92
CA CYS D 58 4.31 7.83 19.94
C CYS D 58 3.42 7.24 18.88
N ALA D 59 2.13 7.44 19.08
CA ALA D 59 1.10 7.02 18.15
C ALA D 59 -0.08 7.98 18.34
N LEU D 60 -0.98 7.95 17.35
CA LEU D 60 -2.17 8.81 17.34
C LEU D 60 -3.40 7.93 17.20
N GLN D 61 -4.36 8.14 18.07
CA GLN D 61 -5.57 7.35 18.14
C GLN D 61 -6.71 8.29 17.81
N VAL D 62 -7.58 7.88 16.91
CA VAL D 62 -8.75 8.70 16.65
C VAL D 62 -9.68 8.54 17.84
N SER D 63 -10.22 9.66 18.33
CA SER D 63 -10.79 9.57 19.67
C SER D 63 -11.98 8.63 19.76
N PRO D 64 -13.19 8.96 19.29
CA PRO D 64 -14.29 8.04 19.63
C PRO D 64 -14.09 6.67 19.02
N SER D 65 -13.52 6.59 17.82
CA SER D 65 -13.49 5.32 17.13
C SER D 65 -12.48 4.36 17.74
N GLY D 66 -11.37 4.90 18.26
CA GLY D 66 -10.30 4.10 18.81
C GLY D 66 -9.25 3.70 17.81
N TYR D 67 -9.37 4.16 16.57
CA TYR D 67 -8.50 3.71 15.51
C TYR D 67 -7.07 4.22 15.71
N TYR D 68 -6.10 3.33 15.55
CA TYR D 68 -4.71 3.76 15.62
C TYR D 68 -4.28 4.06 14.19
N LEU D 69 -3.91 5.32 13.95
CA LEU D 69 -3.49 5.72 12.61
C LEU D 69 -2.22 4.99 12.21
N ASP D 70 -2.16 4.58 10.95
CA ASP D 70 -0.90 4.15 10.34
C ASP D 70 -0.03 5.39 10.15
N THR D 71 1.17 5.39 10.75
CA THR D 71 1.82 6.68 10.98
C THR D 71 2.54 7.29 9.76
N GLU D 72 2.81 6.55 8.69
CA GLU D 72 3.49 7.20 7.57
C GLU D 72 2.75 7.05 6.26
N LEU D 73 1.43 6.98 6.32
CA LEU D 73 0.67 7.37 5.13
C LEU D 73 -0.30 8.43 5.66
N SER D 74 -0.71 9.30 4.77
CA SER D 74 -1.52 10.46 5.12
C SER D 74 -2.90 10.07 5.65
N LEU D 75 -3.65 11.10 6.06
CA LEU D 75 -5.03 10.89 6.47
C LEU D 75 -5.91 10.54 5.29
N GLU D 76 -5.62 11.11 4.11
CA GLU D 76 -6.42 10.86 2.93
C GLU D 76 -6.23 9.43 2.43
N GLU D 77 -5.07 8.83 2.72
CA GLU D 77 -4.78 7.50 2.22
C GLU D 77 -5.45 6.41 3.07
N GLN D 78 -5.65 6.69 4.35
CA GLN D 78 -6.45 5.84 5.23
C GLN D 78 -7.84 6.39 5.49
N ARG D 79 -8.39 7.12 4.51
CA ARG D 79 -9.73 7.72 4.61
C ARG D 79 -10.82 6.69 4.93
N GLU D 80 -10.70 5.49 4.36
CA GLU D 80 -11.70 4.45 4.58
C GLU D 80 -11.82 4.02 6.03
N MET D 81 -10.87 4.39 6.89
CA MET D 81 -10.95 4.06 8.32
C MET D 81 -11.31 5.25 9.18
N LEU D 82 -11.64 6.39 8.59
CA LEU D 82 -11.92 7.60 9.35
C LEU D 82 -13.32 8.13 9.02
N GLU D 83 -14.31 7.24 9.01
CA GLU D 83 -15.63 7.69 8.61
C GLU D 83 -16.16 8.72 9.59
N GLY D 84 -16.31 8.35 10.86
CA GLY D 84 -16.75 9.30 11.86
C GLY D 84 -15.86 10.53 11.97
N PHE D 85 -14.57 10.36 11.67
CA PHE D 85 -13.63 11.48 11.71
C PHE D 85 -13.99 12.54 10.66
N TYR D 86 -14.01 12.13 9.38
CA TYR D 86 -14.39 13.07 8.35
C TYR D 86 -15.86 13.49 8.45
N GLU D 87 -16.72 12.73 9.13
CA GLU D 87 -18.09 13.21 9.30
C GLU D 87 -18.18 14.31 10.35
N GLU D 88 -17.36 14.25 11.41
CA GLU D 88 -17.30 15.40 12.30
C GLU D 88 -16.81 16.62 11.51
N ILE D 89 -15.80 16.41 10.66
CA ILE D 89 -15.33 17.55 9.89
C ILE D 89 -16.44 18.10 8.99
N SER D 90 -17.20 17.22 8.32
CA SER D 90 -18.23 17.71 7.42
C SER D 90 -19.35 18.42 8.17
N LYS D 91 -19.59 18.01 9.42
CA LYS D 91 -20.44 18.77 10.33
C LYS D 91 -19.83 20.10 10.77
N GLY D 92 -18.55 20.33 10.47
CA GLY D 92 -17.94 21.58 10.88
C GLY D 92 -17.38 21.60 12.28
N ARG D 93 -17.21 20.44 12.89
CA ARG D 93 -16.58 20.21 14.19
C ARG D 93 -15.11 19.85 13.99
N LYS D 94 -14.35 19.91 15.09
CA LYS D 94 -12.96 19.45 15.08
C LYS D 94 -12.88 18.09 15.78
N PRO D 95 -12.56 17.03 15.06
CA PRO D 95 -12.35 15.74 15.73
C PRO D 95 -11.10 15.76 16.61
N THR D 96 -11.06 14.88 17.60
CA THR D 96 -9.94 14.90 18.52
C THR D 96 -9.06 13.66 18.33
N LEU D 97 -7.76 13.89 18.36
CA LEU D 97 -6.73 12.88 18.21
C LEU D 97 -5.95 12.78 19.51
N ILE D 98 -5.76 11.55 19.97
CA ILE D 98 -5.05 11.29 21.21
C ILE D 98 -3.63 10.88 20.83
N LEU D 99 -2.65 11.60 21.37
CA LEU D 99 -1.25 11.21 21.34
C LEU D 99 -0.98 10.30 22.54
N ARG D 100 -0.58 9.06 22.27
CA ARG D 100 -0.35 8.12 23.35
C ARG D 100 0.81 7.22 22.93
N THR D 101 1.11 6.20 23.72
CA THR D 101 2.19 5.29 23.42
C THR D 101 1.68 4.15 22.53
N GLN D 102 2.55 3.66 21.65
CA GLN D 102 2.18 2.53 20.80
C GLN D 102 1.84 1.28 21.61
N LEU D 103 0.90 0.49 21.07
CA LEU D 103 0.55 -0.79 21.68
C LEU D 103 1.76 -1.71 21.76
N SER D 104 2.61 -1.71 20.74
CA SER D 104 3.83 -2.50 20.77
C SER D 104 4.68 -2.15 22.00
N VAL D 105 4.94 -0.86 22.20
CA VAL D 105 5.77 -0.39 23.31
C VAL D 105 5.15 -0.73 24.65
N ARG D 106 3.83 -0.64 24.75
CA ARG D 106 3.17 -0.97 26.01
C ARG D 106 3.22 -2.46 26.32
N VAL D 107 2.98 -3.31 25.32
CA VAL D 107 3.07 -4.75 25.53
C VAL D 107 4.50 -5.14 25.84
N ASN D 108 5.47 -4.43 25.26
CA ASN D 108 6.86 -4.72 25.58
C ASN D 108 7.14 -4.41 27.04
N ALA D 109 6.63 -3.29 27.55
CA ALA D 109 6.81 -2.98 28.95
C ALA D 109 6.14 -4.02 29.85
N ILE D 110 4.99 -4.54 29.43
CA ILE D 110 4.32 -5.57 30.21
C ILE D 110 5.16 -6.85 30.26
N LEU D 111 5.56 -7.34 29.08
CA LEU D 111 6.36 -8.56 29.01
C LEU D 111 7.66 -8.41 29.79
N GLU D 112 8.25 -7.22 29.79
CA GLU D 112 9.35 -6.94 30.68
C GLU D 112 9.00 -7.20 32.14
N LYS D 113 8.02 -6.50 32.67
CA LYS D 113 7.90 -6.60 34.12
C LYS D 113 7.58 -8.06 34.51
N LEU D 114 6.83 -8.79 33.67
CA LEU D 114 6.64 -10.22 34.01
C LEU D 114 7.96 -10.97 33.95
N TYR D 115 8.82 -10.67 32.98
CA TYR D 115 10.07 -11.40 32.85
C TYR D 115 11.19 -10.98 33.81
N SER D 116 11.12 -9.83 34.44
CA SER D 116 12.28 -9.38 35.22
C SER D 116 11.98 -9.17 36.70
N SER D 117 10.74 -9.34 37.12
CA SER D 117 10.39 -9.05 38.50
C SER D 117 10.06 -10.34 39.23
N SER D 118 9.83 -10.18 40.53
CA SER D 118 9.73 -11.30 41.44
C SER D 118 9.19 -10.80 42.77
N GLY D 119 8.74 -11.75 43.60
CA GLY D 119 8.32 -11.44 44.94
C GLY D 119 7.09 -10.60 44.95
N PRO D 120 7.10 -9.50 45.69
CA PRO D 120 5.96 -8.57 45.63
C PRO D 120 5.75 -7.88 44.27
N GLU D 121 6.78 -7.47 43.52
CA GLU D 121 6.47 -6.90 42.20
C GLU D 121 5.63 -7.86 41.39
N LEU D 122 6.17 -9.05 41.16
CA LEU D 122 5.52 -10.01 40.30
C LEU D 122 4.09 -10.24 40.71
N ARG D 123 3.84 -10.40 42.02
CA ARG D 123 2.48 -10.65 42.46
C ARG D 123 1.57 -9.48 42.11
N ARG D 124 1.94 -8.26 42.49
CA ARG D 124 1.11 -7.11 42.09
C ARG D 124 0.88 -7.06 40.59
N SER D 125 1.95 -7.21 39.81
CA SER D 125 1.84 -7.07 38.38
C SER D 125 0.87 -8.09 37.80
N LEU D 126 1.01 -9.35 38.21
CA LEU D 126 0.08 -10.36 37.72
C LEU D 126 -1.33 -10.04 38.17
N PHE D 127 -1.48 -9.47 39.37
CA PHE D 127 -2.81 -9.14 39.83
C PHE D 127 -3.46 -8.07 38.96
N SER D 128 -2.67 -7.09 38.53
CA SER D 128 -3.17 -5.97 37.76
C SER D 128 -3.45 -6.30 36.32
N LEU D 129 -2.80 -7.34 35.82
CA LEU D 129 -2.90 -7.73 34.43
C LEU D 129 -4.37 -7.87 33.99
N LYS D 130 -5.20 -8.41 34.88
CA LYS D 130 -6.61 -8.57 34.55
C LYS D 130 -7.25 -7.25 34.12
N GLN D 131 -7.13 -6.25 34.98
CA GLN D 131 -7.74 -4.96 34.71
C GLN D 131 -7.09 -4.29 33.52
N ILE D 132 -5.78 -4.43 33.38
CA ILE D 132 -5.09 -3.86 32.23
C ILE D 132 -5.74 -4.32 30.92
N PHE D 133 -6.03 -5.63 30.84
CA PHE D 133 -6.68 -6.15 29.63
C PHE D 133 -8.14 -5.74 29.55
N GLN D 134 -8.88 -5.74 30.67
CA GLN D 134 -10.28 -5.28 30.55
C GLN D 134 -10.36 -3.86 30.03
N GLU D 135 -9.53 -2.96 30.53
CA GLU D 135 -9.74 -1.55 30.27
C GLU D 135 -8.89 -1.04 29.11
N ASP D 136 -8.03 -1.87 28.51
CA ASP D 136 -7.60 -1.63 27.14
C ASP D 136 -7.59 -2.97 26.39
N LYS D 137 -8.76 -3.33 25.87
CA LYS D 137 -8.89 -4.56 25.09
C LYS D 137 -7.94 -4.57 23.88
N ASP D 138 -7.65 -3.40 23.30
CA ASP D 138 -6.74 -3.35 22.17
C ASP D 138 -5.35 -3.93 22.47
N LEU D 139 -4.96 -4.05 23.74
CA LEU D 139 -3.65 -4.63 24.05
C LEU D 139 -3.62 -6.12 23.79
N VAL D 140 -4.77 -6.78 23.80
CA VAL D 140 -4.82 -8.24 23.79
C VAL D 140 -4.22 -8.83 22.52
N PRO D 141 -4.49 -8.31 21.31
CA PRO D 141 -3.88 -8.91 20.10
C PRO D 141 -2.37 -8.74 20.06
N GLU D 142 -1.89 -7.51 20.27
CA GLU D 142 -0.45 -7.28 20.27
C GLU D 142 0.25 -8.11 21.34
N PHE D 143 -0.36 -8.22 22.53
CA PHE D 143 0.15 -9.12 23.55
C PHE D 143 0.30 -10.53 23.00
N VAL D 144 -0.78 -11.07 22.43
CA VAL D 144 -0.70 -12.42 21.87
C VAL D 144 0.38 -12.47 20.79
N HIS D 145 0.53 -11.37 20.04
CA HIS D 145 1.51 -11.32 18.95
C HIS D 145 2.94 -11.47 19.45
N SER D 146 3.21 -11.06 20.70
CA SER D 146 4.57 -11.10 21.23
C SER D 146 4.82 -12.30 22.13
N GLU D 147 4.12 -13.42 21.87
CA GLU D 147 4.26 -14.65 22.66
C GLU D 147 3.97 -14.41 24.14
N GLY D 148 3.09 -13.44 24.42
CA GLY D 148 2.70 -13.20 25.79
C GLY D 148 2.12 -14.43 26.44
N LEU D 149 1.51 -15.30 25.65
CA LEU D 149 1.05 -16.56 26.21
C LEU D 149 2.23 -17.44 26.63
N SER D 150 3.24 -17.54 25.76
CA SER D 150 4.48 -18.21 26.14
C SER D 150 5.02 -17.67 27.45
N CYS D 151 4.97 -16.35 27.63
CA CYS D 151 5.44 -15.74 28.87
C CYS D 151 4.61 -16.19 30.07
N LEU D 152 3.27 -16.07 29.95
CA LEU D 152 2.41 -16.43 31.07
C LEU D 152 2.63 -17.89 31.48
N ILE D 153 2.78 -18.80 30.52
CA ILE D 153 3.00 -20.19 30.86
C ILE D 153 4.37 -20.39 31.49
N ARG D 154 5.39 -19.71 30.97
CA ARG D 154 6.75 -19.88 31.44
C ARG D 154 6.92 -19.36 32.86
N VAL D 155 6.06 -18.46 33.31
CA VAL D 155 6.06 -18.12 34.73
C VAL D 155 5.16 -19.06 35.53
N GLY D 156 3.91 -19.27 35.11
CA GLY D 156 2.98 -20.06 35.91
C GLY D 156 3.43 -21.49 36.17
N ALA D 157 4.08 -22.13 35.18
CA ALA D 157 4.46 -23.53 35.38
C ALA D 157 5.57 -23.71 36.42
N ALA D 158 6.10 -22.61 36.96
CA ALA D 158 7.14 -22.68 37.98
C ALA D 158 6.78 -21.91 39.24
N ALA D 159 5.51 -21.57 39.45
CA ALA D 159 5.10 -20.70 40.53
C ALA D 159 4.19 -21.45 41.50
N ASP D 160 3.96 -20.85 42.67
CA ASP D 160 3.04 -21.45 43.63
C ASP D 160 1.59 -21.12 43.25
N HIS D 161 0.65 -21.68 44.02
CA HIS D 161 -0.74 -21.68 43.58
C HIS D 161 -1.34 -20.28 43.56
N ASN D 162 -0.87 -19.36 44.39
CA ASN D 162 -1.41 -18.01 44.35
C ASN D 162 -0.98 -17.28 43.07
N TYR D 163 0.32 -17.31 42.78
CA TYR D 163 0.81 -16.77 41.52
C TYR D 163 0.05 -17.36 40.35
N GLN D 164 -0.21 -18.67 40.39
CA GLN D 164 -0.96 -19.27 39.29
C GLN D 164 -2.40 -18.78 39.26
N SER D 165 -3.00 -18.50 40.41
CA SER D 165 -4.38 -18.04 40.38
C SER D 165 -4.48 -16.67 39.72
N TYR D 166 -3.49 -15.81 39.95
CA TYR D 166 -3.49 -14.49 39.28
C TYR D 166 -3.28 -14.65 37.77
N ILE D 167 -2.31 -15.47 37.38
CA ILE D 167 -2.12 -15.76 35.97
C ILE D 167 -3.42 -16.26 35.36
N LEU D 168 -4.17 -17.08 36.08
CA LEU D 168 -5.36 -17.67 35.46
C LEU D 168 -6.50 -16.67 35.35
N ARG D 169 -6.65 -15.75 36.31
CA ARG D 169 -7.66 -14.71 36.12
C ARG D 169 -7.31 -13.82 34.93
N ALA D 170 -6.03 -13.45 34.78
CA ALA D 170 -5.62 -12.74 33.58
C ALA D 170 -5.97 -13.53 32.34
N LEU D 171 -5.69 -14.84 32.35
CA LEU D 171 -5.84 -15.63 31.15
C LEU D 171 -7.32 -15.72 30.75
N GLY D 172 -8.22 -15.90 31.74
CA GLY D 172 -9.64 -15.90 31.44
C GLY D 172 -10.10 -14.58 30.85
N GLN D 173 -9.55 -13.47 31.36
CA GLN D 173 -9.82 -12.18 30.74
C GLN D 173 -9.44 -12.16 29.25
N LEU D 174 -8.22 -12.63 28.92
CA LEU D 174 -7.84 -12.73 27.50
C LEU D 174 -8.85 -13.52 26.70
N MET D 175 -9.25 -14.67 27.20
CA MET D 175 -10.10 -15.56 26.41
C MET D 175 -11.53 -15.07 26.32
N LEU D 176 -11.90 -14.03 27.08
CA LEU D 176 -13.20 -13.39 26.83
C LEU D 176 -13.23 -12.59 25.53
N PHE D 177 -12.06 -12.24 24.98
CA PHE D 177 -11.94 -11.47 23.75
C PHE D 177 -11.61 -12.38 22.58
N VAL D 178 -12.14 -12.04 21.40
CA VAL D 178 -12.06 -12.92 20.25
C VAL D 178 -10.60 -13.17 19.87
N ASP D 179 -9.76 -12.12 19.91
CA ASP D 179 -8.37 -12.24 19.50
C ASP D 179 -7.57 -13.09 20.47
N GLY D 180 -7.73 -12.86 21.77
CA GLY D 180 -7.05 -13.67 22.75
C GLY D 180 -7.47 -15.12 22.65
N MET D 181 -8.75 -15.33 22.40
CA MET D 181 -9.26 -16.68 22.21
C MET D 181 -8.57 -17.38 21.04
N LEU D 182 -8.45 -16.70 19.89
CA LEU D 182 -7.80 -17.33 18.73
C LEU D 182 -6.31 -17.58 19.02
N GLY D 183 -5.66 -16.68 19.76
CA GLY D 183 -4.27 -16.90 20.18
C GLY D 183 -4.10 -18.11 21.09
N VAL D 184 -5.06 -18.33 21.99
CA VAL D 184 -5.02 -19.51 22.83
C VAL D 184 -5.26 -20.76 21.99
N VAL D 185 -6.16 -20.67 21.01
CA VAL D 185 -6.36 -21.82 20.11
C VAL D 185 -5.06 -22.15 19.40
N ALA D 186 -4.23 -21.13 19.16
CA ALA D 186 -2.97 -21.36 18.48
C ALA D 186 -1.90 -21.96 19.39
N HIS D 187 -1.86 -21.53 20.65
CA HIS D 187 -0.75 -21.90 21.55
C HIS D 187 -1.07 -23.23 22.22
N SER D 188 -0.47 -24.31 21.70
CA SER D 188 -0.70 -25.62 22.30
C SER D 188 -0.19 -25.69 23.74
N ASP D 189 0.95 -25.03 24.01
CA ASP D 189 1.54 -25.07 25.35
C ASP D 189 0.57 -24.58 26.42
N THR D 190 -0.28 -23.60 26.09
CA THR D 190 -1.21 -23.09 27.07
C THR D 190 -2.20 -24.16 27.52
N ILE D 191 -2.89 -24.78 26.57
CA ILE D 191 -3.90 -25.77 26.93
C ILE D 191 -3.25 -26.96 27.63
N GLN D 192 -2.06 -27.37 27.18
CA GLN D 192 -1.28 -28.36 27.91
C GLN D 192 -1.08 -27.95 29.36
N TRP D 193 -0.77 -26.67 29.59
CA TRP D 193 -0.57 -26.21 30.96
C TRP D 193 -1.87 -26.28 31.75
N LEU D 194 -2.99 -25.91 31.14
CA LEU D 194 -4.24 -25.99 31.90
C LEU D 194 -4.60 -27.43 32.24
N TYR D 195 -4.31 -28.39 31.36
CA TYR D 195 -4.54 -29.77 31.73
C TYR D 195 -3.62 -30.20 32.87
N THR D 196 -2.34 -29.87 32.77
CA THR D 196 -1.42 -30.13 33.87
C THR D 196 -1.98 -29.59 35.18
N LEU D 197 -2.61 -28.41 35.12
CA LEU D 197 -3.18 -27.74 36.30
C LEU D 197 -4.26 -28.56 36.99
N CYS D 198 -4.87 -29.53 36.32
CA CYS D 198 -5.87 -30.36 36.99
C CYS D 198 -5.29 -31.28 38.07
N ALA D 199 -3.96 -31.32 38.22
CA ALA D 199 -3.31 -32.09 39.28
C ALA D 199 -2.82 -31.20 40.42
N SER D 200 -3.23 -29.94 40.46
CA SER D 200 -2.76 -29.04 41.49
C SER D 200 -3.33 -29.45 42.84
N LEU D 201 -2.60 -29.09 43.90
CA LEU D 201 -3.10 -29.32 45.24
C LEU D 201 -4.01 -28.19 45.71
N SER D 202 -4.09 -27.09 44.96
CA SER D 202 -5.00 -26.00 45.29
C SER D 202 -6.33 -26.28 44.60
N ARG D 203 -7.33 -26.52 45.41
CA ARG D 203 -8.63 -26.85 44.92
C ARG D 203 -9.29 -25.62 44.23
N LEU D 204 -8.85 -24.40 44.60
CA LEU D 204 -9.19 -23.18 43.84
C LEU D 204 -8.59 -23.23 42.44
N VAL D 205 -7.30 -23.58 42.35
CA VAL D 205 -6.64 -23.68 41.05
C VAL D 205 -7.31 -24.73 40.17
N VAL D 206 -7.75 -25.84 40.75
CA VAL D 206 -8.38 -26.86 39.93
C VAL D 206 -9.71 -26.35 39.38
N LYS D 207 -10.55 -25.78 40.25
CA LYS D 207 -11.81 -25.18 39.81
C LYS D 207 -11.60 -24.20 38.67
N THR D 208 -10.60 -23.32 38.82
CA THR D 208 -10.37 -22.29 37.82
C THR D 208 -9.93 -22.88 36.49
N ALA D 209 -8.95 -23.79 36.53
CA ALA D 209 -8.48 -24.43 35.30
C ALA D 209 -9.61 -25.14 34.59
N LEU D 210 -10.45 -25.85 35.33
CA LEU D 210 -11.58 -26.56 34.73
C LEU D 210 -12.52 -25.59 34.03
N LYS D 211 -12.88 -24.47 34.69
CA LYS D 211 -13.80 -23.53 34.06
C LYS D 211 -13.15 -22.85 32.85
N LEU D 212 -11.82 -22.64 32.88
CA LEU D 212 -11.16 -22.13 31.68
C LEU D 212 -11.20 -23.14 30.54
N LEU D 213 -11.00 -24.41 30.83
CA LEU D 213 -11.16 -25.41 29.78
C LEU D 213 -12.58 -25.46 29.24
N LEU D 214 -13.58 -25.22 30.08
CA LEU D 214 -14.95 -25.17 29.56
C LEU D 214 -15.15 -23.98 28.63
N VAL D 215 -14.68 -22.79 29.02
CA VAL D 215 -14.77 -21.66 28.10
C VAL D 215 -14.12 -22.04 26.76
N PHE D 216 -13.00 -22.76 26.83
CA PHE D 216 -12.28 -23.14 25.63
C PHE D 216 -13.10 -24.08 24.75
N VAL D 217 -13.67 -25.13 25.34
CA VAL D 217 -14.42 -26.11 24.55
C VAL D 217 -15.82 -25.62 24.17
N GLU D 218 -16.36 -24.65 24.89
CA GLU D 218 -17.69 -24.12 24.56
C GLU D 218 -17.62 -23.06 23.47
N TYR D 219 -16.50 -22.34 23.37
CA TYR D 219 -16.35 -21.32 22.35
C TYR D 219 -16.56 -21.89 20.96
N SER D 220 -15.68 -22.80 20.54
CA SER D 220 -15.86 -23.50 19.27
C SER D 220 -15.74 -25.00 19.51
N GLU D 221 -15.82 -25.74 18.40
CA GLU D 221 -15.72 -27.18 18.40
C GLU D 221 -14.46 -27.67 17.71
N ASN D 222 -13.90 -26.85 16.83
CA ASN D 222 -12.66 -27.20 16.14
C ASN D 222 -11.51 -27.41 17.11
N ASN D 223 -11.64 -26.93 18.35
CA ASN D 223 -10.60 -27.06 19.36
C ASN D 223 -10.86 -28.19 20.36
N ALA D 224 -11.96 -28.92 20.24
CA ALA D 224 -12.06 -30.21 20.92
C ALA D 224 -10.91 -31.15 20.57
N PRO D 225 -10.57 -31.37 19.29
CA PRO D 225 -9.35 -32.15 19.00
C PRO D 225 -8.08 -31.53 19.58
N LEU D 226 -7.96 -30.19 19.59
CA LEU D 226 -6.75 -29.58 20.16
C LEU D 226 -6.63 -29.92 21.63
N PHE D 227 -7.74 -29.86 22.36
CA PHE D 227 -7.79 -30.33 23.73
C PHE D 227 -7.25 -31.74 23.83
N ILE D 228 -7.84 -32.64 23.05
CA ILE D 228 -7.49 -34.05 23.18
C ILE D 228 -6.00 -34.25 22.85
N ARG D 229 -5.49 -33.48 21.88
CA ARG D 229 -4.10 -33.61 21.47
C ARG D 229 -3.16 -33.12 22.56
N ALA D 230 -3.51 -32.00 23.19
CA ALA D 230 -2.72 -31.52 24.29
C ALA D 230 -2.68 -32.56 25.40
N VAL D 231 -3.83 -33.18 25.70
CA VAL D 231 -3.84 -34.20 26.76
C VAL D 231 -2.95 -35.38 26.38
N ASN D 232 -3.02 -35.88 25.13
CA ASN D 232 -2.15 -37.02 24.85
C ASN D 232 -0.69 -36.60 24.95
N SER D 233 -0.36 -35.38 24.50
CA SER D 233 1.04 -34.95 24.52
C SER D 233 1.54 -34.74 25.95
N VAL D 234 0.69 -34.22 26.85
CA VAL D 234 1.13 -34.01 28.23
C VAL D 234 1.34 -35.34 28.94
N ALA D 235 0.35 -36.24 28.84
CA ALA D 235 0.50 -37.56 29.42
C ALA D 235 1.71 -38.28 28.82
N SER D 236 1.96 -38.06 27.53
CA SER D 236 3.03 -38.75 26.82
C SER D 236 4.40 -38.24 27.26
N THR D 237 4.54 -36.91 27.41
CA THR D 237 5.79 -36.34 27.91
C THR D 237 6.04 -36.72 29.36
N THR D 238 4.98 -36.85 30.16
CA THR D 238 5.12 -37.04 31.60
C THR D 238 5.31 -38.51 32.01
N GLY D 239 4.94 -39.46 31.14
CA GLY D 239 5.04 -40.88 31.43
C GLY D 239 3.80 -41.51 32.03
N ALA D 240 2.74 -40.74 32.23
CA ALA D 240 1.47 -41.11 32.82
C ALA D 240 0.47 -41.48 31.73
N PRO D 241 -0.62 -42.19 32.05
CA PRO D 241 -1.62 -42.48 31.01
C PRO D 241 -2.32 -41.27 30.57
N PRO D 242 -2.79 -41.19 29.31
CA PRO D 242 -3.68 -40.10 28.91
C PRO D 242 -4.91 -40.11 29.81
N TRP D 243 -5.30 -38.92 30.28
CA TRP D 243 -6.54 -38.60 30.99
C TRP D 243 -6.55 -38.90 32.49
N ALA D 244 -5.41 -39.30 33.08
CA ALA D 244 -5.39 -39.67 34.49
C ALA D 244 -5.83 -38.54 35.40
N ASN D 245 -5.63 -37.28 34.98
CA ASN D 245 -5.92 -36.15 35.87
C ASN D 245 -7.42 -36.01 36.09
N LEU D 246 -8.20 -36.11 35.03
CA LEU D 246 -9.64 -36.00 35.18
C LEU D 246 -10.18 -37.13 36.04
N VAL D 247 -9.87 -38.38 35.70
CA VAL D 247 -10.44 -39.50 36.45
C VAL D 247 -9.96 -39.48 37.90
N SER D 248 -8.76 -38.97 38.16
CA SER D 248 -8.31 -38.80 39.54
C SER D 248 -9.22 -37.83 40.28
N ILE D 249 -9.60 -36.73 39.62
CA ILE D 249 -10.60 -35.86 40.22
C ILE D 249 -11.91 -36.61 40.42
N LEU D 250 -12.24 -37.53 39.50
CA LEU D 250 -13.52 -38.21 39.61
C LEU D 250 -13.57 -39.17 40.78
N GLU D 251 -12.48 -39.90 41.03
CA GLU D 251 -12.42 -40.86 42.12
C GLU D 251 -11.71 -40.31 43.36
N GLU D 252 -11.65 -38.97 43.47
CA GLU D 252 -11.41 -38.18 44.68
C GLU D 252 -10.45 -38.76 45.71
N LYS D 253 -9.23 -38.23 45.76
CA LYS D 253 -8.34 -38.63 46.84
C LYS D 253 -8.72 -37.95 48.16
N ASN D 254 -9.30 -36.74 48.09
CA ASN D 254 -9.74 -36.00 49.27
C ASN D 254 -11.19 -36.22 49.69
N GLY D 255 -12.10 -36.63 48.80
CA GLY D 255 -13.48 -36.76 49.25
C GLY D 255 -14.45 -35.98 48.37
N ALA D 256 -15.67 -35.85 48.88
CA ALA D 256 -16.77 -35.24 48.12
C ALA D 256 -16.54 -33.76 47.85
N ASP D 257 -17.01 -33.32 46.68
CA ASP D 257 -16.81 -31.98 46.15
C ASP D 257 -17.72 -31.69 44.97
N PRO D 258 -19.03 -31.58 45.19
CA PRO D 258 -20.00 -31.66 44.07
C PRO D 258 -19.72 -30.74 42.89
N GLU D 259 -19.46 -29.45 43.16
CA GLU D 259 -19.14 -28.46 42.13
C GLU D 259 -17.96 -28.88 41.24
N LEU D 260 -16.85 -29.36 41.83
CA LEU D 260 -15.80 -29.90 40.97
C LEU D 260 -16.26 -31.13 40.21
N LEU D 261 -17.03 -32.02 40.85
CA LEU D 261 -17.38 -33.25 40.13
C LEU D 261 -18.18 -32.91 38.87
N VAL D 262 -19.13 -31.99 39.02
CA VAL D 262 -19.97 -31.59 37.90
C VAL D 262 -19.15 -30.87 36.83
N TYR D 263 -18.25 -29.94 37.21
CA TYR D 263 -17.44 -29.29 36.17
C TYR D 263 -16.67 -30.33 35.35
N THR D 264 -16.09 -31.33 36.03
CA THR D 264 -15.29 -32.31 35.32
C THR D 264 -16.14 -33.13 34.36
N VAL D 265 -17.31 -33.57 34.82
CA VAL D 265 -18.14 -34.42 33.96
C VAL D 265 -18.70 -33.62 32.78
N THR D 266 -19.08 -32.35 33.00
CA THR D 266 -19.54 -31.57 31.86
C THR D 266 -18.43 -31.43 30.84
N LEU D 267 -17.19 -31.24 31.31
CA LEU D 267 -16.09 -31.14 30.38
C LEU D 267 -16.02 -32.35 29.48
N ILE D 268 -16.01 -33.55 30.07
CA ILE D 268 -15.94 -34.72 29.18
C ILE D 268 -17.21 -34.92 28.34
N ASN D 269 -18.40 -34.57 28.85
CA ASN D 269 -19.63 -34.69 28.06
C ASN D 269 -19.59 -33.80 26.82
N LYS D 270 -19.41 -32.48 27.03
CA LYS D 270 -19.36 -31.50 25.94
C LYS D 270 -18.11 -31.62 25.09
N THR D 271 -17.08 -32.34 25.56
CA THR D 271 -15.98 -32.68 24.65
C THR D 271 -16.35 -33.85 23.75
N LEU D 272 -17.09 -34.82 24.28
CA LEU D 272 -17.56 -35.94 23.47
C LEU D 272 -18.54 -35.47 22.39
N ALA D 273 -19.44 -34.56 22.74
CA ALA D 273 -20.53 -34.16 21.85
C ALA D 273 -20.09 -33.33 20.65
N ALA D 274 -18.83 -32.91 20.55
CA ALA D 274 -18.42 -31.99 19.50
C ALA D 274 -17.49 -32.62 18.46
N LEU D 275 -17.66 -33.91 18.18
CA LEU D 275 -16.89 -34.53 17.10
C LEU D 275 -17.71 -35.63 16.44
N PRO D 276 -17.97 -35.51 15.13
CA PRO D 276 -18.76 -36.55 14.44
C PRO D 276 -17.98 -37.85 14.27
N ASP D 277 -16.66 -37.77 14.22
CA ASP D 277 -15.79 -38.94 14.10
C ASP D 277 -16.03 -39.90 15.26
N GLN D 278 -16.49 -41.11 14.94
CA GLN D 278 -16.63 -42.18 15.94
C GLN D 278 -15.31 -42.92 16.21
N ASP D 279 -14.28 -42.77 15.38
CA ASP D 279 -13.07 -43.57 15.54
C ASP D 279 -12.16 -43.00 16.64
N SER D 280 -11.90 -41.69 16.58
CA SER D 280 -11.23 -41.01 17.70
C SER D 280 -12.11 -41.05 18.94
N PHE D 281 -13.43 -41.01 18.76
CA PHE D 281 -14.36 -41.18 19.87
C PHE D 281 -14.02 -42.44 20.63
N TYR D 282 -13.97 -43.56 19.91
CA TYR D 282 -13.72 -44.86 20.53
C TYR D 282 -12.34 -44.92 21.15
N ASP D 283 -11.35 -44.32 20.49
CA ASP D 283 -10.03 -44.22 21.11
C ASP D 283 -10.14 -43.61 22.51
N VAL D 284 -10.82 -42.48 22.61
CA VAL D 284 -10.80 -41.76 23.89
C VAL D 284 -11.63 -42.51 24.94
N THR D 285 -12.86 -42.92 24.59
CA THR D 285 -13.69 -43.57 25.59
C THR D 285 -13.09 -44.90 26.03
N ASP D 286 -12.30 -45.54 25.16
CA ASP D 286 -11.47 -46.66 25.59
C ASP D 286 -10.47 -46.21 26.64
N ALA D 287 -9.70 -45.14 26.34
CA ALA D 287 -8.75 -44.61 27.31
C ALA D 287 -9.41 -44.36 28.67
N LEU D 288 -10.72 -44.09 28.70
CA LEU D 288 -11.38 -43.85 29.98
C LEU D 288 -11.84 -45.15 30.65
N GLU D 289 -12.47 -46.06 29.89
CA GLU D 289 -12.87 -47.34 30.46
C GLU D 289 -11.69 -48.14 30.93
N GLN D 290 -10.56 -48.00 30.24
CA GLN D 290 -9.34 -48.63 30.77
C GLN D 290 -9.04 -48.16 32.18
N GLN D 291 -9.06 -46.83 32.40
CA GLN D 291 -8.63 -46.29 33.66
C GLN D 291 -9.64 -46.61 34.75
N GLY D 292 -10.82 -47.05 34.34
CA GLY D 292 -11.83 -47.64 35.19
C GLY D 292 -13.18 -46.97 35.08
N MET D 293 -13.33 -46.06 34.12
CA MET D 293 -14.42 -45.08 34.13
C MET D 293 -15.79 -45.71 34.39
N GLU D 294 -16.06 -46.89 33.83
CA GLU D 294 -17.40 -47.48 33.88
C GLU D 294 -17.84 -47.84 35.29
N ALA D 295 -16.95 -48.45 36.10
CA ALA D 295 -17.26 -48.78 37.50
C ALA D 295 -17.49 -47.52 38.33
N LEU D 296 -16.64 -46.51 38.13
CA LEU D 296 -16.76 -45.23 38.80
C LEU D 296 -18.14 -44.63 38.54
N VAL D 297 -18.52 -44.62 37.26
CA VAL D 297 -19.83 -44.17 36.82
C VAL D 297 -20.94 -44.93 37.52
N GLN D 298 -20.85 -46.27 37.51
CA GLN D 298 -21.90 -47.10 38.10
C GLN D 298 -22.13 -46.74 39.57
N ARG D 299 -21.08 -46.80 40.39
CA ARG D 299 -21.30 -46.56 41.82
C ARG D 299 -21.71 -45.11 42.11
N HIS D 300 -21.30 -44.15 41.28
CA HIS D 300 -21.75 -42.78 41.55
C HIS D 300 -23.21 -42.59 41.15
N LEU D 301 -23.65 -43.15 40.00
CA LEU D 301 -25.07 -43.11 39.64
C LEU D 301 -25.94 -43.89 40.63
N GLY D 302 -25.34 -44.71 41.48
CA GLY D 302 -26.09 -45.51 42.45
C GLY D 302 -26.67 -44.72 43.61
N THR D 303 -25.79 -44.17 44.46
CA THR D 303 -26.18 -43.45 45.66
C THR D 303 -27.22 -42.36 45.39
N ALA D 304 -28.33 -42.42 46.15
CA ALA D 304 -29.28 -41.32 46.13
C ALA D 304 -28.75 -40.08 46.86
N GLY D 305 -27.64 -40.21 47.60
CA GLY D 305 -26.93 -39.05 48.14
C GLY D 305 -26.24 -38.19 47.08
N THR D 306 -26.07 -38.73 45.88
CA THR D 306 -25.51 -37.98 44.75
C THR D 306 -26.34 -36.74 44.45
N ASP D 307 -25.66 -35.66 44.05
CA ASP D 307 -26.33 -34.41 43.75
C ASP D 307 -27.01 -34.49 42.38
N VAL D 308 -28.14 -33.77 42.26
CA VAL D 308 -29.03 -33.97 41.11
C VAL D 308 -28.35 -33.54 39.82
N ASP D 309 -27.64 -32.41 39.86
CA ASP D 309 -26.98 -31.92 38.66
C ASP D 309 -25.91 -32.91 38.19
N LEU D 310 -25.07 -33.39 39.12
CA LEU D 310 -24.11 -34.42 38.74
C LEU D 310 -24.82 -35.58 38.05
N ARG D 311 -25.94 -36.04 38.63
CA ARG D 311 -26.68 -37.16 38.04
C ARG D 311 -27.18 -36.85 36.62
N THR D 312 -27.72 -35.65 36.40
CA THR D 312 -28.21 -35.29 35.06
C THR D 312 -27.10 -35.38 34.02
N GLN D 313 -25.93 -34.80 34.33
CA GLN D 313 -24.80 -34.85 33.39
C GLN D 313 -24.24 -36.25 33.21
N LEU D 314 -24.35 -37.09 34.23
CA LEU D 314 -23.91 -38.47 34.04
C LEU D 314 -24.93 -39.32 33.26
N VAL D 315 -26.24 -39.10 33.41
CA VAL D 315 -27.13 -39.80 32.49
C VAL D 315 -26.96 -39.27 31.08
N LEU D 316 -26.60 -37.98 30.92
CA LEU D 316 -26.13 -37.51 29.61
C LEU D 316 -24.92 -38.30 29.13
N TYR D 317 -23.97 -38.59 30.02
CA TYR D 317 -22.88 -39.48 29.64
C TYR D 317 -23.41 -40.80 29.12
N GLU D 318 -24.18 -41.50 29.95
CA GLU D 318 -24.52 -42.89 29.68
C GLU D 318 -25.41 -43.04 28.44
N ASN D 319 -26.36 -42.12 28.24
CA ASN D 319 -27.24 -42.19 27.08
C ASN D 319 -26.50 -42.07 25.76
N ALA D 320 -25.34 -41.39 25.75
CA ALA D 320 -24.59 -41.21 24.51
C ALA D 320 -24.17 -42.55 23.90
N LEU D 321 -23.56 -43.42 24.71
CA LEU D 321 -23.12 -44.73 24.21
C LEU D 321 -24.26 -45.74 24.03
#